data_8SFJ
#
_entry.id   8SFJ
#
_cell.length_a   1.00
_cell.length_b   1.00
_cell.length_c   1.00
_cell.angle_alpha   90.00
_cell.angle_beta   90.00
_cell.angle_gamma   90.00
#
_symmetry.space_group_name_H-M   'P 1'
#
loop_
_entity.id
_entity.type
_entity.pdbx_description
1 polymer 'CRISPR-associated endonuclease Cas12a'
2 polymer 'RNA (29-MER)'
3 polymer "DNA (5'-D(P*CP*AP*CP*TP*TP*AP*TP*CP*AP*CP*TP*AP*AP*AP*AP*GP*AP*TP*CP*GP*GP*AP*AP*G)-3')"
4 polymer "DNA (5'-D(P*CP*TP*TP*CP*CP*GP*AP*TP*CP*TP*TP*TP*TP*AP*GP*TP*GP*AP*T)-3')"
#
loop_
_entity_poly.entity_id
_entity_poly.type
_entity_poly.pdbx_seq_one_letter_code
_entity_poly.pdbx_strand_id
1 'polypeptide(L)'
;GAASMTQFEGFTNLYQVSKTLRFELIPQGKTLKHIQEQGFIEEDKARNDHYKELKPIIDRIYKTYADQCLQLVQLDWENL
SAAIDSYRKEKTEETRNALIEEQATYRNAIHDYFIGRTDNLTDAINKRHAEIYKGLFKAELFNGKVLKQLGTVTTTEHEN
ALLRSFDKFTTYFSGFYENRKNVFSAEDISTAIPHRIVQDNFPKFKENCHIFTRLITAVPSLREHFENVKKAIGIFVSTS
IEEVFSFPFYNQLLTQTQIDLYNQLLGGISREAGTEKIKGLNEVLNLAIQKNDETAHIIASLPHRFIPLFKQILSDRNTL
SFILEEFKSDEEVIQSFCKYKTLLRNENVLETAEALFNELNSIDLTHIFISHKKLETISSALCDHWDTLRNALYERRISE
LTGKITKSAKEKVQRSLKHEDINLQEIISAAGKELSEAFKQKTSEILSHAHAALDQPLPTTLKKQEEKEILKSQLDSLLG
LYHLLDWFAVDESNEVDPEFSARLTGIKLEMEPSLSFYNKARNYATKKPYSVEKFKLNFQMPTLASGWDVNKEKNNGAIL
FVKNGLYYLGIMPKQKGRYKALSFEPTEKTSEGFDKMYYDYFPDAAKMIPKCSTQLKAVTAHFQTHTTPILLSNNFIEPL
EITKEIYDLNNPEKEPKKFQTAYAKKTGDQKGYREALCKWIDFTRDFLSKYTKTTSIDLSSLRPSSQYKDLGEYYAELNP
LLYHISFQRIAEKEIMDAVETGKLYLFQIYNKDFAKGHHGKPNLHTLYWTGLFSPENLAKTSIKLNGQAELFYRPKSRMK
RMAHRLGEKMLNKKLKDQKTPIPDTLYQELYDYVNHRLSHDLSDEARALLPNVITKEVSHEIIKDRRFTSDKFFFHVPIT
LNYQAANSPSKFNQRVNAYLKEHPETPIIGIDRGERNLIYITVIDSTGKILEQRSLNTIQQFDYQKKLDNREKERVAARQ
AWSVVGTIKDLKQGYLSQVIHEIVDLMIHYQAVVVLENLNFGFKSKRTGIAEKAVYQQFEKMLIDKLNCLVLKDYPAEKV
GGVLNPYQLTDQFTSFAKMGTQSGFLFYVPAPYTSKIDPLTGFVDPFVWKTIKNHESRKHFLEGFDFLHYDVKTGDFILH
FKMNRNLSFQRGLPGFMPAWDIVFEKNETQFDAKGTPFIAGKRIVPVIENHRFTGRYRDLYPANELIALLEEKGIVFRDG
SNILPKLLENDDSHAIDTMVALIRSVLQMRNSNAATGEDYINSPVRDLNGVCFDSRFQNPEWPMDADANGAYHIALKGQL
LLNHLKESKDLKLQNGISNQDWLAYIQELRN
;
A
2 'polyribonucleotide' UUUUUAAUUUCUACUCUUGUAGAUGUGAUAAGUGGAAUGCCAUGUGGA B
3 'polydeoxyribonucleotide'
;(DA)(DG)(DC)(DA)(DC)(DA)(DG)(DT)(DA)(DG)(DC)(DT)(DA)(DC)(DT)(DC)(DC)(DA)(DG)(DT)
(DA)(DC)(DC)(DG)(DT)(DA)(DT)(DC)(DC)(DA)(DC)(DT)(DT)(DA)(DT)(DC)(DA)(DC)(DT)(DA)
(DA)(DA)(DA)(DG)(DA)(DT)(DC)(DG)(DG)(DA)(DA)(DG)(DA)(DG)(DC)(DG)
;
C
4 'polydeoxyribonucleotide'
;(DC)(DG)(DC)(DT)(DC)(DT)(DT)(DC)(DC)(DG)(DA)(DT)(DC)(DT)(DT)(DT)(DT)(DA)(DG)(DT)
(DG)(DA)(DT)(DA)(DA)(DG)(DT)(DG)(DG)(DA)(DT)(DA)(DC)(DG)(DG)(DT)(DA)(DC)(DT)(DG)
(DG)(DA)(DG)(DT)(DA)(DG)(DC)(DT)(DA)(DC)(DT)(DG)(DT)(DG)(DC)(DT)
;
D
#
loop_
_chem_comp.id
_chem_comp.type
_chem_comp.name
_chem_comp.formula
A RNA linking ADENOSINE-5'-MONOPHOSPHATE 'C10 H14 N5 O7 P'
C RNA linking CYTIDINE-5'-MONOPHOSPHATE 'C9 H14 N3 O8 P'
DA DNA linking 2'-DEOXYADENOSINE-5'-MONOPHOSPHATE 'C10 H14 N5 O6 P'
DC DNA linking 2'-DEOXYCYTIDINE-5'-MONOPHOSPHATE 'C9 H14 N3 O7 P'
DG DNA linking 2'-DEOXYGUANOSINE-5'-MONOPHOSPHATE 'C10 H14 N5 O7 P'
DT DNA linking THYMIDINE-5'-MONOPHOSPHATE 'C10 H15 N2 O8 P'
G RNA linking GUANOSINE-5'-MONOPHOSPHATE 'C10 H14 N5 O8 P'
U RNA linking URIDINE-5'-MONOPHOSPHATE 'C9 H13 N2 O9 P'
#
# COMPACT_ATOMS: atom_id res chain seq x y z
N MET A 5 11.91 -13.15 27.54
CA MET A 5 11.44 -13.11 26.16
C MET A 5 10.01 -12.58 26.08
N THR A 6 9.62 -12.11 24.90
CA THR A 6 8.29 -11.56 24.71
C THR A 6 7.28 -12.67 24.42
N GLN A 7 6.01 -12.35 24.62
CA GLN A 7 4.91 -13.25 24.31
C GLN A 7 4.16 -12.74 23.09
N PHE A 8 3.17 -13.52 22.66
CA PHE A 8 2.32 -13.09 21.55
C PHE A 8 1.42 -11.93 21.94
N GLU A 9 1.07 -11.82 23.23
CA GLU A 9 0.30 -10.70 23.72
C GLU A 9 1.10 -9.41 23.75
N GLY A 10 2.43 -9.48 23.62
CA GLY A 10 3.30 -8.32 23.66
C GLY A 10 3.30 -7.49 22.40
N PHE A 11 2.64 -7.94 21.33
CA PHE A 11 2.54 -7.18 20.09
C PHE A 11 1.32 -6.26 20.09
N THR A 12 1.21 -5.44 21.14
CA THR A 12 0.16 -4.45 21.25
C THR A 12 0.78 -3.12 21.67
N ASN A 13 0.11 -2.03 21.26
CA ASN A 13 0.52 -0.65 21.57
C ASN A 13 1.94 -0.36 21.07
N LEU A 14 2.20 -0.73 19.82
CA LEU A 14 3.51 -0.49 19.21
C LEU A 14 3.61 0.87 18.53
N TYR A 15 2.56 1.27 17.82
CA TYR A 15 2.54 2.56 17.12
C TYR A 15 1.11 3.01 16.93
N GLN A 16 0.95 4.33 16.72
CA GLN A 16 -0.36 4.91 16.53
C GLN A 16 -0.95 4.50 15.19
N VAL A 17 -2.28 4.56 15.10
CA VAL A 17 -2.98 4.31 13.85
C VAL A 17 -4.18 5.25 13.77
N SER A 18 -4.33 5.96 12.66
CA SER A 18 -5.38 6.95 12.51
C SER A 18 -6.51 6.38 11.67
N LYS A 19 -7.72 6.41 12.22
CA LYS A 19 -8.91 5.92 11.54
C LYS A 19 -9.95 7.01 11.54
N THR A 20 -11.11 6.74 10.94
CA THR A 20 -12.20 7.70 10.99
C THR A 20 -13.52 6.94 11.07
N LEU A 21 -14.55 7.66 11.49
CA LEU A 21 -15.88 7.10 11.67
C LEU A 21 -16.90 8.01 11.00
N ARG A 22 -17.99 7.40 10.54
CA ARG A 22 -19.08 8.10 9.88
C ARG A 22 -20.37 7.80 10.63
N PHE A 23 -21.20 8.83 10.81
CA PHE A 23 -22.47 8.66 11.48
C PHE A 23 -23.54 9.50 10.79
N GLU A 24 -24.79 9.15 11.04
CA GLU A 24 -25.91 9.98 10.64
C GLU A 24 -26.27 10.91 11.79
N LEU A 25 -26.80 12.07 11.47
CA LEU A 25 -27.24 13.02 12.47
C LEU A 25 -28.75 13.17 12.39
N ILE A 26 -29.44 12.84 13.48
CA ILE A 26 -30.88 13.00 13.57
C ILE A 26 -31.16 14.36 14.20
N PRO A 27 -31.87 15.26 13.51
CA PRO A 27 -32.19 16.56 14.11
C PRO A 27 -33.10 16.42 15.32
N GLN A 28 -32.90 17.29 16.31
CA GLN A 28 -33.61 17.22 17.58
C GLN A 28 -34.52 18.44 17.70
N GLY A 29 -35.80 18.19 17.87
CA GLY A 29 -36.74 19.27 18.12
C GLY A 29 -36.96 20.10 16.86
N LYS A 30 -36.94 21.42 17.04
CA LYS A 30 -37.19 22.38 15.97
C LYS A 30 -35.95 22.75 15.16
N THR A 31 -34.80 22.10 15.45
CA THR A 31 -33.51 22.54 14.92
C THR A 31 -33.52 22.62 13.40
N LEU A 32 -33.93 21.53 12.74
CA LEU A 32 -34.02 21.51 11.28
C LEU A 32 -34.95 22.61 10.79
N LYS A 33 -36.05 22.83 11.52
CA LYS A 33 -37.00 23.89 11.17
C LYS A 33 -36.30 25.24 11.17
N HIS A 34 -35.47 25.49 12.19
CA HIS A 34 -34.71 26.72 12.22
C HIS A 34 -33.77 26.81 11.03
N ILE A 35 -33.11 25.69 10.70
CA ILE A 35 -32.29 25.63 9.49
C ILE A 35 -33.17 25.84 8.27
N GLN A 36 -34.34 25.19 8.24
CA GLN A 36 -35.28 25.41 7.15
C GLN A 36 -35.80 26.84 7.16
N GLU A 37 -35.86 27.47 8.33
CA GLU A 37 -36.20 28.88 8.37
C GLU A 37 -35.03 29.74 7.88
N GLN A 38 -33.80 29.34 8.20
CA GLN A 38 -32.65 30.19 7.99
C GLN A 38 -32.02 30.05 6.61
N GLY A 39 -32.23 28.93 5.94
CA GLY A 39 -31.68 28.70 4.61
C GLY A 39 -30.17 28.55 4.48
N PHE A 40 -29.48 28.04 5.49
CA PHE A 40 -28.02 27.87 5.38
C PHE A 40 -27.63 26.81 4.36
N ILE A 41 -28.45 25.77 4.15
CA ILE A 41 -28.04 24.66 3.29
C ILE A 41 -27.92 25.10 1.83
N GLU A 42 -28.82 25.97 1.35
CA GLU A 42 -28.71 26.46 -0.02
C GLU A 42 -27.47 27.31 -0.22
N GLU A 43 -27.13 28.15 0.77
CA GLU A 43 -25.92 28.96 0.69
C GLU A 43 -24.66 28.10 0.75
N ASP A 44 -24.66 27.05 1.58
CA ASP A 44 -23.52 26.15 1.62
C ASP A 44 -23.36 25.40 0.30
N LYS A 45 -24.48 25.00 -0.31
CA LYS A 45 -24.43 24.36 -1.62
C LYS A 45 -23.87 25.30 -2.68
N ALA A 46 -24.31 26.57 -2.65
CA ALA A 46 -23.77 27.57 -3.57
C ALA A 46 -22.28 27.81 -3.33
N ARG A 47 -21.86 27.82 -2.06
CA ARG A 47 -20.45 27.98 -1.74
C ARG A 47 -19.62 26.83 -2.28
N ASN A 48 -20.12 25.60 -2.12
CA ASN A 48 -19.40 24.43 -2.64
C ASN A 48 -19.33 24.46 -4.16
N ASP A 49 -20.43 24.85 -4.83
CA ASP A 49 -20.42 24.96 -6.28
C ASP A 49 -19.44 26.02 -6.76
N HIS A 50 -19.40 27.16 -6.08
CA HIS A 50 -18.46 28.23 -6.43
C HIS A 50 -17.02 27.78 -6.21
N TYR A 51 -16.78 27.00 -5.15
CA TYR A 51 -15.44 26.47 -4.89
C TYR A 51 -15.01 25.52 -6.00
N LYS A 52 -15.91 24.60 -6.38
CA LYS A 52 -15.55 23.60 -7.38
C LYS A 52 -15.46 24.18 -8.78
N GLU A 53 -16.14 25.30 -9.05
CA GLU A 53 -15.97 25.97 -10.33
C GLU A 53 -14.85 27.02 -10.30
N LEU A 54 -14.33 27.36 -9.12
CA LEU A 54 -13.18 28.25 -9.02
C LEU A 54 -11.87 27.50 -8.95
N LYS A 55 -11.88 26.22 -8.56
CA LYS A 55 -10.66 25.41 -8.55
C LYS A 55 -9.87 25.38 -9.87
N PRO A 56 -10.47 25.23 -11.06
CA PRO A 56 -9.64 25.33 -12.29
C PRO A 56 -9.01 26.70 -12.50
N ILE A 57 -9.65 27.78 -12.05
CA ILE A 57 -9.13 29.13 -12.27
C ILE A 57 -7.87 29.36 -11.44
N ILE A 58 -7.93 29.03 -10.15
CA ILE A 58 -6.78 29.18 -9.28
C ILE A 58 -5.71 28.18 -9.71
N ASP A 59 -6.14 27.04 -10.24
CA ASP A 59 -5.19 26.10 -10.82
C ASP A 59 -4.47 26.74 -12.00
N ARG A 60 -5.19 27.50 -12.83
CA ARG A 60 -4.59 28.20 -13.97
C ARG A 60 -3.59 29.24 -13.52
N ILE A 61 -3.88 29.93 -12.42
CA ILE A 61 -2.92 30.89 -11.86
C ILE A 61 -1.64 30.16 -11.49
N TYR A 62 -1.79 29.00 -10.84
CA TYR A 62 -0.64 28.20 -10.43
C TYR A 62 0.16 27.72 -11.64
N LYS A 63 -0.52 27.28 -12.72
CA LYS A 63 0.17 26.84 -13.93
C LYS A 63 0.94 27.97 -14.58
N THR A 64 0.33 29.16 -14.63
CA THR A 64 0.99 30.30 -15.26
C THR A 64 2.24 30.70 -14.49
N TYR A 65 2.16 30.77 -13.16
CA TYR A 65 3.36 31.10 -12.40
C TYR A 65 4.42 29.99 -12.52
N ALA A 66 3.98 28.73 -12.54
CA ALA A 66 4.92 27.61 -12.65
C ALA A 66 5.69 27.65 -13.97
N ASP A 67 4.98 27.84 -15.08
CA ASP A 67 5.63 27.91 -16.38
C ASP A 67 6.52 29.14 -16.49
N GLN A 68 6.02 30.30 -16.04
CA GLN A 68 6.80 31.54 -16.11
C GLN A 68 8.04 31.46 -15.23
N CYS A 69 8.00 30.68 -14.16
CA CYS A 69 9.14 30.55 -13.27
C CYS A 69 10.15 29.54 -13.80
N LEU A 70 9.69 28.39 -14.27
CA LEU A 70 10.60 27.35 -14.73
C LEU A 70 11.07 27.54 -16.15
N GLN A 71 10.60 28.58 -16.85
CA GLN A 71 11.21 28.93 -18.13
C GLN A 71 12.58 29.59 -18.01
N LEU A 72 12.99 29.99 -16.80
CA LEU A 72 14.25 30.70 -16.60
C LEU A 72 15.36 29.85 -16.00
N VAL A 73 15.23 28.53 -16.00
CA VAL A 73 16.22 27.68 -15.34
C VAL A 73 17.52 27.67 -16.15
N GLN A 74 18.63 27.87 -15.45
CA GLN A 74 19.96 27.92 -16.07
C GLN A 74 20.96 27.07 -15.28
N LEU A 75 20.58 25.84 -14.96
CA LEU A 75 21.40 24.95 -14.16
C LEU A 75 21.95 23.81 -15.02
N ASP A 76 23.19 23.40 -14.75
CA ASP A 76 23.78 22.29 -15.48
C ASP A 76 23.49 20.96 -14.77
N TRP A 77 23.69 19.86 -15.51
CA TRP A 77 23.26 18.54 -15.05
C TRP A 77 24.31 17.44 -15.17
N GLU A 78 25.55 17.75 -15.55
CA GLU A 78 26.51 16.67 -15.81
C GLU A 78 27.00 16.05 -14.51
N ASN A 79 27.00 16.81 -13.41
CA ASN A 79 27.48 16.28 -12.14
C ASN A 79 26.52 15.23 -11.57
N LEU A 80 25.22 15.51 -11.61
CA LEU A 80 24.26 14.53 -11.13
C LEU A 80 24.18 13.35 -12.09
N SER A 81 24.49 13.58 -13.38
CA SER A 81 24.65 12.47 -14.32
C SER A 81 25.80 11.57 -13.92
N ALA A 82 26.93 12.16 -13.51
CA ALA A 82 28.05 11.37 -13.04
C ALA A 82 27.69 10.62 -11.75
N ALA A 83 26.94 11.26 -10.86
CA ALA A 83 26.53 10.61 -9.62
C ALA A 83 25.61 9.41 -9.88
N ILE A 84 24.62 9.59 -10.77
CA ILE A 84 23.71 8.48 -11.05
C ILE A 84 24.42 7.39 -11.85
N ASP A 85 25.41 7.74 -12.67
CA ASP A 85 26.23 6.72 -13.34
C ASP A 85 27.07 5.94 -12.33
N SER A 86 27.62 6.63 -11.34
CA SER A 86 28.39 5.97 -10.29
C SER A 86 27.52 5.01 -9.49
N TYR A 87 26.30 5.43 -9.17
CA TYR A 87 25.40 4.54 -8.42
C TYR A 87 24.93 3.37 -9.28
N ARG A 88 24.70 3.60 -10.57
CA ARG A 88 24.32 2.51 -11.47
C ARG A 88 25.45 1.49 -11.60
N LYS A 89 26.70 1.98 -11.67
CA LYS A 89 27.84 1.07 -11.75
C LYS A 89 28.06 0.31 -10.44
N GLU A 90 27.95 0.98 -9.29
CA GLU A 90 28.39 0.40 -8.03
C GLU A 90 27.26 -0.14 -7.16
N LYS A 91 26.13 0.58 -7.06
CA LYS A 91 25.06 0.32 -6.09
C LYS A 91 25.59 0.28 -4.66
N THR A 92 26.55 1.15 -4.37
CA THR A 92 27.13 1.28 -3.04
C THR A 92 26.28 2.25 -2.21
N GLU A 93 26.08 1.92 -0.93
CA GLU A 93 25.29 2.78 -0.06
C GLU A 93 25.92 4.15 0.13
N GLU A 94 27.25 4.26 0.02
CA GLU A 94 27.88 5.57 0.01
C GLU A 94 27.52 6.33 -1.25
N THR A 95 27.56 5.66 -2.41
CA THR A 95 27.09 6.28 -3.64
C THR A 95 25.60 6.55 -3.60
N ARG A 96 24.83 5.69 -2.93
CA ARG A 96 23.40 5.92 -2.76
C ARG A 96 23.13 7.21 -1.98
N ASN A 97 23.84 7.39 -0.86
CA ASN A 97 23.67 8.59 -0.05
C ASN A 97 24.17 9.82 -0.80
N ALA A 98 25.27 9.70 -1.54
CA ALA A 98 25.78 10.82 -2.34
C ALA A 98 24.79 11.21 -3.43
N LEU A 99 24.18 10.22 -4.11
CA LEU A 99 23.18 10.49 -5.13
C LEU A 99 21.95 11.17 -4.54
N ILE A 100 21.49 10.68 -3.39
CA ILE A 100 20.33 11.27 -2.73
C ILE A 100 20.62 12.70 -2.32
N GLU A 101 21.81 12.94 -1.76
CA GLU A 101 22.19 14.29 -1.34
C GLU A 101 22.30 15.23 -2.54
N GLU A 102 22.88 14.75 -3.64
CA GLU A 102 23.05 15.63 -4.80
C GLU A 102 21.71 15.92 -5.48
N GLN A 103 20.81 14.92 -5.51
CA GLN A 103 19.46 15.20 -5.99
C GLN A 103 18.74 16.19 -5.08
N ALA A 104 18.96 16.08 -3.76
CA ALA A 104 18.37 17.05 -2.84
C ALA A 104 18.90 18.46 -3.04
N THR A 105 20.21 18.63 -3.26
CA THR A 105 20.72 19.98 -3.49
C THR A 105 20.23 20.54 -4.81
N TYR A 106 20.12 19.70 -5.86
CA TYR A 106 19.53 20.17 -7.11
C TYR A 106 18.08 20.59 -6.92
N ARG A 107 17.31 19.83 -6.13
CA ARG A 107 15.93 20.19 -5.83
C ARG A 107 15.85 21.50 -5.06
N ASN A 108 16.75 21.71 -4.10
CA ASN A 108 16.77 22.98 -3.39
C ASN A 108 17.23 24.13 -4.27
N ALA A 109 18.13 23.87 -5.23
CA ALA A 109 18.56 24.92 -6.14
C ALA A 109 17.41 25.38 -7.03
N ILE A 110 16.65 24.45 -7.60
CA ILE A 110 15.50 24.87 -8.39
C ILE A 110 14.35 25.35 -7.49
N HIS A 111 14.40 25.02 -6.19
CA HIS A 111 13.47 25.66 -5.24
C HIS A 111 13.83 27.12 -5.02
N ASP A 112 15.12 27.44 -4.91
CA ASP A 112 15.54 28.84 -4.87
C ASP A 112 15.20 29.56 -6.16
N TYR A 113 15.25 28.85 -7.29
CA TYR A 113 14.67 29.38 -8.51
C TYR A 113 13.17 29.65 -8.33
N PHE A 114 12.47 28.74 -7.66
CA PHE A 114 11.03 28.92 -7.43
C PHE A 114 10.76 30.07 -6.46
N ILE A 115 11.46 30.11 -5.33
CA ILE A 115 11.14 31.06 -4.27
C ILE A 115 11.98 32.33 -4.34
N GLY A 116 12.82 32.47 -5.36
CA GLY A 116 13.50 33.73 -5.60
C GLY A 116 14.62 34.09 -4.66
N ARG A 117 15.63 33.22 -4.53
CA ARG A 117 16.84 33.59 -3.80
C ARG A 117 18.09 33.05 -4.49
N THR A 118 17.96 32.45 -5.67
CA THR A 118 19.12 31.89 -6.37
C THR A 118 20.06 32.99 -6.84
N ASP A 119 21.36 32.67 -6.85
CA ASP A 119 22.37 33.64 -7.22
C ASP A 119 22.40 33.92 -8.71
N ASN A 120 21.86 33.02 -9.53
CA ASN A 120 21.93 33.20 -10.99
C ASN A 120 20.99 34.28 -11.49
N LEU A 121 19.98 34.66 -10.71
CA LEU A 121 19.03 35.68 -11.10
C LEU A 121 19.35 37.01 -10.43
N THR A 122 18.87 38.09 -11.06
CA THR A 122 19.02 39.42 -10.48
C THR A 122 18.19 39.53 -9.21
N ASP A 123 18.76 40.20 -8.20
CA ASP A 123 18.11 40.30 -6.89
C ASP A 123 16.78 41.04 -6.92
N ALA A 124 16.55 41.90 -7.92
CA ALA A 124 15.24 42.51 -8.08
C ALA A 124 14.21 41.47 -8.54
N ILE A 125 14.56 40.68 -9.54
CA ILE A 125 13.69 39.61 -10.01
C ILE A 125 13.56 38.54 -8.93
N ASN A 126 14.64 38.29 -8.18
CA ASN A 126 14.58 37.36 -7.05
C ASN A 126 13.61 37.85 -5.99
N LYS A 127 13.62 39.15 -5.69
CA LYS A 127 12.68 39.71 -4.72
C LYS A 127 11.25 39.65 -5.23
N ARG A 128 11.05 39.88 -6.53
CA ARG A 128 9.73 39.75 -7.12
C ARG A 128 9.19 38.32 -7.00
N HIS A 129 10.04 37.34 -7.28
CA HIS A 129 9.65 35.93 -7.15
C HIS A 129 9.43 35.54 -5.70
N ALA A 130 10.21 36.12 -4.78
CA ALA A 130 10.02 35.86 -3.36
C ALA A 130 8.69 36.40 -2.86
N GLU A 131 8.34 37.62 -3.30
CA GLU A 131 7.04 38.19 -2.93
C GLU A 131 5.92 37.33 -3.50
N ILE A 132 6.07 36.84 -4.72
CA ILE A 132 5.03 36.00 -5.31
C ILE A 132 4.89 34.68 -4.55
N TYR A 133 6.00 34.07 -4.16
CA TYR A 133 5.94 32.82 -3.40
C TYR A 133 5.31 33.02 -2.04
N LYS A 134 5.62 34.14 -1.37
CA LYS A 134 4.97 34.46 -0.11
C LYS A 134 3.47 34.70 -0.31
N GLY A 135 3.10 35.37 -1.41
CA GLY A 135 1.71 35.66 -1.67
C GLY A 135 0.88 34.45 -2.01
N LEU A 136 1.47 33.50 -2.76
CA LEU A 136 0.71 32.42 -3.37
C LEU A 136 0.12 31.42 -2.38
N PHE A 137 0.51 31.46 -1.12
CA PHE A 137 -0.05 30.59 -0.11
C PHE A 137 -0.66 31.40 1.03
N LYS A 138 -1.30 32.51 0.69
CA LYS A 138 -1.96 33.37 1.67
C LYS A 138 -3.31 33.83 1.13
N ALA A 139 -4.03 34.60 1.94
CA ALA A 139 -5.39 35.02 1.60
C ALA A 139 -5.43 36.07 0.49
N GLU A 140 -4.29 36.63 0.09
CA GLU A 140 -4.25 37.69 -0.91
C GLU A 140 -4.43 37.17 -2.33
N LEU A 141 -4.73 35.88 -2.49
CA LEU A 141 -5.09 35.33 -3.79
C LEU A 141 -6.43 35.85 -4.28
N PHE A 142 -7.33 36.19 -3.35
CA PHE A 142 -8.70 36.57 -3.66
C PHE A 142 -8.77 38.09 -3.80
N ASN A 143 -8.74 38.58 -5.05
CA ASN A 143 -8.82 40.00 -5.39
C ASN A 143 -7.72 40.81 -4.69
N GLY A 144 -6.51 40.30 -4.73
CA GLY A 144 -5.41 40.88 -4.00
C GLY A 144 -4.21 41.17 -4.90
N LYS A 145 -3.03 41.15 -4.27
CA LYS A 145 -1.81 41.60 -4.92
C LYS A 145 -1.28 40.62 -5.97
N VAL A 146 -1.63 39.34 -5.85
CA VAL A 146 -1.03 38.31 -6.72
C VAL A 146 -1.43 38.54 -8.17
N LEU A 147 -2.72 38.78 -8.42
CA LEU A 147 -3.21 38.98 -9.78
C LEU A 147 -2.71 40.29 -10.39
N LYS A 148 -2.53 41.32 -9.56
CA LYS A 148 -2.01 42.58 -10.09
C LYS A 148 -0.52 42.50 -10.41
N GLN A 149 0.26 41.82 -9.58
CA GLN A 149 1.70 41.75 -9.85
C GLN A 149 1.99 40.85 -11.05
N LEU A 150 1.25 39.77 -11.20
CA LEU A 150 1.36 38.91 -12.37
C LEU A 150 0.18 39.26 -13.28
N GLY A 151 0.39 40.25 -14.13
CA GLY A 151 -0.58 40.73 -15.09
C GLY A 151 -0.76 39.90 -16.34
N THR A 152 -0.05 38.78 -16.45
CA THR A 152 -0.15 37.93 -17.63
C THR A 152 -1.48 37.23 -17.77
N VAL A 153 -2.26 37.10 -16.70
CA VAL A 153 -3.53 36.40 -16.71
C VAL A 153 -4.67 37.42 -16.70
N THR A 154 -5.60 37.29 -17.64
CA THR A 154 -6.79 38.13 -17.68
C THR A 154 -7.98 37.40 -17.10
N THR A 155 -8.78 38.12 -16.31
CA THR A 155 -9.94 37.55 -15.63
C THR A 155 -11.20 38.32 -16.02
N THR A 156 -12.27 37.59 -16.37
CA THR A 156 -13.52 38.24 -16.72
C THR A 156 -14.24 38.72 -15.46
N GLU A 157 -15.25 39.58 -15.67
CA GLU A 157 -15.97 40.21 -14.55
C GLU A 157 -16.77 39.20 -13.73
N HIS A 158 -17.28 38.17 -14.38
CA HIS A 158 -17.99 37.10 -13.70
C HIS A 158 -17.01 36.35 -12.79
N GLU A 159 -15.82 36.09 -13.30
CA GLU A 159 -14.81 35.39 -12.52
C GLU A 159 -14.23 36.25 -11.39
N ASN A 160 -14.20 37.58 -11.52
CA ASN A 160 -13.84 38.40 -10.36
C ASN A 160 -14.94 38.38 -9.30
N ALA A 161 -16.21 38.40 -9.72
CA ALA A 161 -17.28 38.30 -8.72
C ALA A 161 -17.27 36.94 -8.04
N LEU A 162 -16.95 35.89 -8.78
CA LEU A 162 -16.81 34.56 -8.19
C LEU A 162 -15.66 34.51 -7.18
N LEU A 163 -14.54 35.16 -7.51
CA LEU A 163 -13.42 35.22 -6.57
C LEU A 163 -13.73 36.12 -5.37
N ARG A 164 -14.54 37.16 -5.56
CA ARG A 164 -14.91 38.04 -4.47
C ARG A 164 -15.91 37.39 -3.53
N SER A 165 -16.70 36.43 -4.02
CA SER A 165 -17.74 35.80 -3.20
C SER A 165 -17.17 35.03 -2.01
N PHE A 166 -15.88 34.70 -2.03
CA PHE A 166 -15.22 34.03 -0.91
C PHE A 166 -14.47 35.00 -0.01
N ASP A 167 -14.97 36.23 0.13
CA ASP A 167 -14.35 37.19 1.03
C ASP A 167 -14.48 36.76 2.49
N LYS A 168 -13.41 36.97 3.25
CA LYS A 168 -13.31 36.60 4.66
C LYS A 168 -13.54 35.10 4.89
N PHE A 169 -13.26 34.29 3.86
CA PHE A 169 -13.55 32.86 3.93
C PHE A 169 -12.47 32.00 3.28
N THR A 170 -11.24 32.50 3.18
CA THR A 170 -10.18 31.78 2.48
C THR A 170 -9.74 30.52 3.22
N THR A 171 -10.06 30.41 4.51
CA THR A 171 -9.76 29.20 5.27
C THR A 171 -10.48 27.98 4.71
N TYR A 172 -11.61 28.18 4.01
CA TYR A 172 -12.28 27.08 3.33
C TYR A 172 -11.41 26.48 2.24
N PHE A 173 -10.49 27.25 1.68
CA PHE A 173 -9.51 26.76 0.73
C PHE A 173 -8.23 26.26 1.38
N SER A 174 -8.13 26.38 2.71
CA SER A 174 -6.84 26.33 3.40
C SER A 174 -6.14 24.99 3.19
N GLY A 175 -6.88 23.89 3.34
CA GLY A 175 -6.32 22.58 3.09
C GLY A 175 -5.82 22.44 1.66
N PHE A 176 -6.64 22.88 0.70
CA PHE A 176 -6.20 22.93 -0.70
C PHE A 176 -4.97 23.80 -0.86
N TYR A 177 -4.90 24.89 -0.08
CA TYR A 177 -3.71 25.74 -0.03
C TYR A 177 -2.47 24.90 0.27
N GLU A 178 -2.56 24.12 1.35
CA GLU A 178 -1.44 23.26 1.73
C GLU A 178 -1.15 22.22 0.67
N ASN A 179 -2.20 21.78 -0.04
CA ASN A 179 -2.00 20.81 -1.12
C ASN A 179 -1.14 21.39 -2.23
N ARG A 180 -1.34 22.68 -2.53
CA ARG A 180 -0.51 23.30 -3.56
C ARG A 180 0.94 23.44 -3.10
N LYS A 181 1.17 23.50 -1.79
CA LYS A 181 2.53 23.46 -1.27
C LYS A 181 3.20 22.14 -1.61
N ASN A 182 2.42 21.05 -1.62
CA ASN A 182 2.96 19.76 -2.04
C ASN A 182 3.40 19.77 -3.49
N VAL A 183 2.82 20.66 -4.31
CA VAL A 183 3.34 20.84 -5.66
C VAL A 183 4.71 21.51 -5.63
N PHE A 184 4.85 22.55 -4.83
CA PHE A 184 6.03 23.40 -4.88
C PHE A 184 7.05 23.09 -3.81
N SER A 185 6.85 22.01 -3.05
CA SER A 185 7.84 21.60 -2.07
C SER A 185 9.04 20.96 -2.78
N ALA A 186 10.10 20.75 -2.02
CA ALA A 186 11.31 20.11 -2.53
C ALA A 186 11.71 18.90 -1.71
N GLU A 187 10.84 18.39 -0.85
CA GLU A 187 11.20 17.32 0.08
C GLU A 187 10.91 15.93 -0.49
N ASP A 188 11.37 15.69 -1.73
CA ASP A 188 11.43 14.37 -2.36
C ASP A 188 10.07 13.68 -2.49
N ILE A 189 8.97 14.43 -2.39
CA ILE A 189 7.64 13.84 -2.51
C ILE A 189 7.27 13.77 -3.99
N SER A 190 6.56 12.70 -4.37
CA SER A 190 6.30 12.43 -5.78
C SER A 190 5.39 13.47 -6.43
N THR A 191 4.61 14.20 -5.65
CA THR A 191 3.75 15.25 -6.17
C THR A 191 4.52 16.53 -6.45
N ALA A 192 5.74 16.66 -5.94
CA ALA A 192 6.52 17.89 -6.11
C ALA A 192 7.08 18.01 -7.51
N ILE A 193 7.06 19.25 -8.03
CA ILE A 193 7.72 19.54 -9.31
C ILE A 193 9.23 19.30 -9.26
N PRO A 194 9.97 19.70 -8.21
CA PRO A 194 11.40 19.34 -8.17
C PRO A 194 11.68 17.85 -8.19
N HIS A 195 10.83 17.02 -7.56
CA HIS A 195 11.04 15.57 -7.66
C HIS A 195 10.74 15.07 -9.06
N ARG A 196 9.74 15.67 -9.73
CA ARG A 196 9.46 15.27 -11.10
C ARG A 196 10.61 15.61 -12.03
N ILE A 197 11.24 16.77 -11.85
CA ILE A 197 12.30 17.18 -12.75
C ILE A 197 13.61 16.46 -12.41
N VAL A 198 14.04 16.55 -11.16
CA VAL A 198 15.36 16.04 -10.77
C VAL A 198 15.38 14.52 -10.77
N GLN A 199 14.36 13.89 -10.17
CA GLN A 199 14.39 12.46 -9.89
C GLN A 199 13.63 11.62 -10.91
N ASP A 200 12.55 12.13 -11.48
CA ASP A 200 11.70 11.34 -12.36
C ASP A 200 12.00 11.54 -13.84
N ASN A 201 11.90 12.78 -14.32
CA ASN A 201 11.98 13.05 -15.75
C ASN A 201 13.40 12.99 -16.27
N PHE A 202 14.38 13.41 -15.46
CA PHE A 202 15.77 13.46 -15.92
C PHE A 202 16.37 12.09 -16.28
N PRO A 203 16.20 11.00 -15.52
CA PRO A 203 16.82 9.73 -15.96
C PRO A 203 16.34 9.22 -17.31
N LYS A 204 15.08 9.49 -17.68
CA LYS A 204 14.61 9.10 -19.00
C LYS A 204 15.37 9.84 -20.10
N PHE A 205 15.57 11.14 -19.93
CA PHE A 205 16.32 11.91 -20.91
C PHE A 205 17.79 11.50 -20.94
N LYS A 206 18.35 11.18 -19.77
CA LYS A 206 19.74 10.72 -19.71
C LYS A 206 19.92 9.40 -20.44
N GLU A 207 19.00 8.46 -20.22
CA GLU A 207 19.03 7.19 -20.94
C GLU A 207 18.84 7.39 -22.43
N ASN A 208 17.95 8.31 -22.81
CA ASN A 208 17.71 8.59 -24.23
C ASN A 208 18.96 9.15 -24.91
N CYS A 209 19.66 10.08 -24.26
CA CYS A 209 20.88 10.62 -24.85
C CYS A 209 21.97 9.56 -24.91
N HIS A 210 22.06 8.71 -23.88
CA HIS A 210 23.07 7.64 -23.88
C HIS A 210 22.82 6.63 -25.00
N ILE A 211 21.57 6.19 -25.16
CA ILE A 211 21.30 5.22 -26.23
C ILE A 211 21.38 5.89 -27.60
N PHE A 212 21.13 7.20 -27.69
CA PHE A 212 21.29 7.87 -28.98
C PHE A 212 22.76 7.92 -29.38
N THR A 213 23.65 8.30 -28.46
CA THR A 213 25.06 8.35 -28.85
C THR A 213 25.61 6.94 -29.07
N ARG A 214 25.06 5.94 -28.37
CA ARG A 214 25.42 4.55 -28.67
C ARG A 214 24.97 4.15 -30.07
N LEU A 215 23.76 4.56 -30.48
CA LEU A 215 23.29 4.25 -31.83
C LEU A 215 24.10 4.98 -32.89
N ILE A 216 24.52 6.21 -32.59
CA ILE A 216 25.31 6.98 -33.55
C ILE A 216 26.69 6.39 -33.71
N THR A 217 27.34 6.00 -32.60
CA THR A 217 28.63 5.34 -32.68
C THR A 217 28.52 3.96 -33.34
N ALA A 218 27.37 3.29 -33.20
CA ALA A 218 27.17 2.03 -33.93
C ALA A 218 27.03 2.28 -35.43
N VAL A 219 26.18 3.23 -35.82
CA VAL A 219 25.97 3.58 -37.21
C VAL A 219 25.47 5.02 -37.31
N PRO A 220 26.09 5.86 -38.14
CA PRO A 220 25.67 7.27 -38.22
C PRO A 220 24.69 7.60 -39.33
N SER A 221 24.38 6.63 -40.20
CA SER A 221 23.58 6.92 -41.39
C SER A 221 22.15 7.32 -41.04
N LEU A 222 21.62 6.87 -39.90
CA LEU A 222 20.28 7.32 -39.50
C LEU A 222 20.28 8.75 -38.98
N ARG A 223 21.45 9.31 -38.62
CA ARG A 223 21.50 10.63 -37.99
C ARG A 223 20.88 11.70 -38.88
N GLU A 224 21.36 11.80 -40.14
CA GLU A 224 20.73 12.71 -41.08
C GLU A 224 19.28 12.33 -41.33
N HIS A 225 18.98 11.02 -41.29
CA HIS A 225 17.60 10.56 -41.31
C HIS A 225 16.78 11.22 -40.21
N PHE A 226 17.31 11.18 -38.97
CA PHE A 226 16.66 11.86 -37.85
C PHE A 226 16.45 13.33 -38.15
N GLU A 227 17.42 13.95 -38.81
CA GLU A 227 17.33 15.36 -39.18
C GLU A 227 16.12 15.61 -40.06
N ASN A 228 15.89 14.77 -41.08
CA ASN A 228 14.70 15.02 -41.90
C ASN A 228 13.41 14.65 -41.17
N VAL A 229 13.46 13.72 -40.20
CA VAL A 229 12.31 13.56 -39.31
C VAL A 229 12.09 14.85 -38.53
N LYS A 230 13.17 15.49 -38.07
CA LYS A 230 13.05 16.79 -37.45
C LYS A 230 12.53 17.83 -38.44
N LYS A 231 12.80 17.66 -39.74
CA LYS A 231 12.20 18.48 -40.78
C LYS A 231 10.85 17.94 -41.25
N ALA A 232 10.50 16.69 -40.89
CA ALA A 232 9.19 16.17 -41.26
C ALA A 232 8.10 16.80 -40.40
N ILE A 233 8.37 16.98 -39.12
CA ILE A 233 7.40 17.56 -38.19
C ILE A 233 7.69 19.04 -37.94
N GLY A 234 8.90 19.50 -38.22
CA GLY A 234 9.26 20.90 -38.02
C GLY A 234 9.28 21.36 -36.58
N ILE A 235 9.87 20.57 -35.69
CA ILE A 235 9.96 20.88 -34.27
C ILE A 235 11.44 21.03 -33.90
N PHE A 236 11.74 22.08 -33.12
CA PHE A 236 13.09 22.44 -32.69
C PHE A 236 14.01 22.70 -33.89
N VAL A 237 13.50 23.50 -34.84
CA VAL A 237 14.26 23.79 -36.05
C VAL A 237 15.46 24.70 -35.79
N SER A 238 15.49 25.41 -34.66
CA SER A 238 16.62 26.27 -34.32
C SER A 238 17.83 25.50 -33.81
N THR A 239 17.69 24.20 -33.57
CA THR A 239 18.78 23.39 -33.03
C THR A 239 18.86 22.08 -33.81
N SER A 240 19.99 21.39 -33.66
CA SER A 240 20.24 20.16 -34.39
C SER A 240 19.68 18.97 -33.62
N ILE A 241 19.94 17.76 -34.12
CA ILE A 241 19.43 16.56 -33.48
C ILE A 241 20.32 16.15 -32.30
N GLU A 242 21.63 16.09 -32.52
CA GLU A 242 22.53 15.68 -31.45
C GLU A 242 22.66 16.75 -30.36
N GLU A 243 22.33 18.00 -30.67
CA GLU A 243 22.23 19.01 -29.62
C GLU A 243 21.01 18.79 -28.74
N VAL A 244 19.92 18.27 -29.32
CA VAL A 244 18.71 18.00 -28.55
C VAL A 244 18.96 16.89 -27.53
N PHE A 245 19.63 15.82 -27.95
CA PHE A 245 19.94 14.72 -27.04
C PHE A 245 21.29 14.96 -26.36
N SER A 246 21.34 16.06 -25.61
CA SER A 246 22.53 16.46 -24.88
C SER A 246 22.09 17.17 -23.59
N PHE A 247 23.02 17.23 -22.64
CA PHE A 247 22.71 17.82 -21.34
C PHE A 247 22.27 19.29 -21.37
N PRO A 248 22.91 20.22 -22.11
CA PRO A 248 22.40 21.60 -22.12
C PRO A 248 21.00 21.77 -22.69
N PHE A 249 20.51 20.80 -23.47
CA PHE A 249 19.12 20.88 -23.92
C PHE A 249 18.14 20.53 -22.81
N TYR A 250 18.60 19.89 -21.73
CA TYR A 250 17.72 19.69 -20.59
C TYR A 250 17.50 20.99 -19.80
N ASN A 251 18.22 22.05 -20.14
CA ASN A 251 17.83 23.39 -19.71
C ASN A 251 16.57 23.87 -20.40
N GLN A 252 16.24 23.29 -21.56
CA GLN A 252 14.90 23.37 -22.09
C GLN A 252 14.15 22.11 -21.64
N LEU A 253 12.94 21.92 -22.17
CA LEU A 253 12.05 20.81 -21.80
C LEU A 253 11.76 20.79 -20.29
N LEU A 254 11.27 21.94 -19.81
CA LEU A 254 10.68 22.03 -18.48
C LEU A 254 9.20 22.38 -18.53
N THR A 255 8.80 23.24 -19.45
CA THR A 255 7.39 23.53 -19.67
C THR A 255 6.72 22.31 -20.29
N GLN A 256 5.40 22.20 -20.09
CA GLN A 256 4.68 21.04 -20.59
C GLN A 256 4.58 21.07 -22.11
N THR A 257 4.64 22.26 -22.72
CA THR A 257 4.62 22.36 -24.17
C THR A 257 5.87 21.74 -24.79
N GLN A 258 7.03 22.04 -24.22
CA GLN A 258 8.28 21.48 -24.75
C GLN A 258 8.33 19.97 -24.54
N ILE A 259 7.83 19.48 -23.40
CA ILE A 259 7.71 18.04 -23.19
C ILE A 259 6.77 17.41 -24.21
N ASP A 260 5.68 18.12 -24.54
CA ASP A 260 4.73 17.63 -25.52
C ASP A 260 5.36 17.52 -26.91
N LEU A 261 6.12 18.54 -27.31
CA LEU A 261 6.82 18.46 -28.60
C LEU A 261 7.89 17.38 -28.60
N TYR A 262 8.61 17.23 -27.48
CA TYR A 262 9.65 16.20 -27.41
C TYR A 262 9.05 14.79 -27.49
N ASN A 263 7.90 14.59 -26.87
CA ASN A 263 7.23 13.29 -26.97
C ASN A 263 6.63 13.07 -28.34
N GLN A 264 6.05 14.12 -28.94
CA GLN A 264 5.41 13.98 -30.24
C GLN A 264 6.42 13.85 -31.37
N LEU A 265 7.67 14.26 -31.15
CA LEU A 265 8.70 14.02 -32.15
C LEU A 265 9.06 12.54 -32.21
N LEU A 266 9.07 11.87 -31.06
CA LEU A 266 9.30 10.42 -31.05
C LEU A 266 8.06 9.67 -31.53
N GLY A 267 6.87 10.12 -31.12
CA GLY A 267 5.65 9.39 -31.43
C GLY A 267 5.00 9.75 -32.74
N GLY A 268 5.36 10.89 -33.32
CA GLY A 268 4.74 11.32 -34.55
C GLY A 268 3.33 11.85 -34.32
N ILE A 269 2.66 12.13 -35.44
CA ILE A 269 1.28 12.62 -35.41
C ILE A 269 0.58 12.26 -36.71
N ILE A 278 1.62 11.37 -40.63
CA ILE A 278 2.87 12.07 -40.36
C ILE A 278 3.83 11.15 -39.62
N LYS A 279 5.06 11.05 -40.13
CA LYS A 279 6.01 10.08 -39.64
C LYS A 279 6.64 10.54 -38.32
N GLY A 280 6.90 9.58 -37.43
CA GLY A 280 7.66 9.80 -36.23
C GLY A 280 9.00 9.09 -36.26
N LEU A 281 9.78 9.31 -35.20
CA LEU A 281 11.10 8.72 -35.12
C LEU A 281 11.04 7.23 -34.77
N ASN A 282 10.13 6.86 -33.87
CA ASN A 282 10.01 5.48 -33.44
C ASN A 282 9.55 4.57 -34.58
N GLU A 283 8.59 5.04 -35.38
CA GLU A 283 8.16 4.25 -36.53
C GLU A 283 9.23 4.21 -37.61
N VAL A 284 10.07 5.25 -37.71
CA VAL A 284 11.23 5.21 -38.60
C VAL A 284 12.19 4.10 -38.16
N LEU A 285 12.42 4.00 -36.85
CA LEU A 285 13.25 2.91 -36.32
C LEU A 285 12.61 1.55 -36.57
N ASN A 286 11.27 1.48 -36.46
CA ASN A 286 10.57 0.21 -36.71
C ASN A 286 10.73 -0.22 -38.17
N LEU A 287 10.60 0.72 -39.12
CA LEU A 287 10.83 0.36 -40.52
C LEU A 287 12.30 0.02 -40.79
N ALA A 288 13.23 0.68 -40.10
CA ALA A 288 14.64 0.34 -40.26
C ALA A 288 14.91 -1.08 -39.77
N ILE A 289 14.31 -1.47 -38.64
CA ILE A 289 14.49 -2.82 -38.12
C ILE A 289 13.83 -3.85 -39.03
N GLN A 290 12.63 -3.53 -39.53
CA GLN A 290 11.89 -4.45 -40.40
C GLN A 290 12.54 -4.65 -41.76
N LYS A 291 13.52 -3.83 -42.14
CA LYS A 291 14.29 -4.04 -43.35
C LYS A 291 15.08 -5.35 -43.30
N ASN A 292 15.40 -5.82 -42.08
CA ASN A 292 16.11 -7.08 -41.77
C ASN A 292 17.40 -7.25 -42.57
N ASP A 293 18.06 -6.13 -42.87
CA ASP A 293 19.40 -6.14 -43.44
C ASP A 293 20.43 -6.19 -42.30
N GLU A 294 21.71 -6.03 -42.64
CA GLU A 294 22.77 -6.09 -41.64
C GLU A 294 22.67 -4.94 -40.64
N THR A 295 22.34 -3.73 -41.13
CA THR A 295 22.16 -2.60 -40.23
C THR A 295 20.98 -2.81 -39.30
N ALA A 296 19.93 -3.45 -39.80
CA ALA A 296 18.79 -3.80 -38.96
C ALA A 296 19.18 -4.79 -37.88
N HIS A 297 20.05 -5.75 -38.20
CA HIS A 297 20.50 -6.70 -37.19
C HIS A 297 21.41 -6.06 -36.15
N ILE A 298 22.26 -5.10 -36.53
CA ILE A 298 23.13 -4.51 -35.51
C ILE A 298 22.37 -3.47 -34.67
N ILE A 299 21.28 -2.92 -35.18
CA ILE A 299 20.46 -2.07 -34.31
C ILE A 299 19.40 -2.85 -33.53
N ALA A 300 19.02 -4.05 -33.99
CA ALA A 300 18.17 -4.91 -33.19
C ALA A 300 18.92 -5.59 -32.05
N SER A 301 20.26 -5.64 -32.11
CA SER A 301 21.07 -6.15 -31.02
C SER A 301 21.39 -5.10 -29.97
N LEU A 302 20.85 -3.89 -30.11
CA LEU A 302 21.06 -2.78 -29.20
C LEU A 302 19.69 -2.22 -28.84
N PRO A 303 19.55 -1.56 -27.67
CA PRO A 303 18.30 -0.84 -27.39
C PRO A 303 17.95 0.22 -28.44
N HIS A 304 16.85 -0.03 -29.15
CA HIS A 304 16.51 0.66 -30.37
C HIS A 304 15.21 1.45 -30.26
N ARG A 305 14.86 1.88 -29.05
CA ARG A 305 13.68 2.72 -28.89
C ARG A 305 13.93 3.72 -27.77
N PHE A 306 13.25 4.85 -27.87
CA PHE A 306 13.36 5.93 -26.89
C PHE A 306 12.09 6.00 -26.08
N ILE A 307 12.21 5.98 -24.76
CA ILE A 307 11.04 6.05 -23.90
C ILE A 307 10.54 7.50 -23.94
N PRO A 308 9.24 7.73 -23.85
CA PRO A 308 8.74 9.11 -23.83
C PRO A 308 9.03 9.81 -22.50
N LEU A 309 8.66 11.08 -22.40
CA LEU A 309 8.90 11.86 -21.20
C LEU A 309 7.56 12.09 -20.52
N PHE A 310 7.57 12.06 -19.19
CA PHE A 310 6.34 12.23 -18.42
C PHE A 310 5.78 13.64 -18.55
N LYS A 311 4.46 13.73 -18.50
CA LYS A 311 3.76 15.01 -18.53
C LYS A 311 4.06 15.79 -17.25
N GLN A 312 4.12 17.12 -17.39
CA GLN A 312 4.37 17.99 -16.25
C GLN A 312 3.16 18.05 -15.32
N ILE A 313 3.41 18.52 -14.10
CA ILE A 313 2.40 18.49 -13.07
C ILE A 313 1.43 19.64 -13.26
N LEU A 314 0.16 19.39 -12.94
CA LEU A 314 -1.00 20.27 -13.08
C LEU A 314 -0.96 21.09 -14.38
N SER A 315 -0.78 20.39 -15.50
CA SER A 315 -0.84 21.04 -16.81
C SER A 315 -1.72 20.22 -17.73
N ASP A 316 -2.47 20.91 -18.59
CA ASP A 316 -3.35 20.22 -19.53
C ASP A 316 -2.54 19.58 -20.64
N ARG A 317 -3.12 18.53 -21.22
CA ARG A 317 -2.49 17.82 -22.34
C ARG A 317 -2.88 18.46 -23.67
N VAL A 532 -24.40 8.94 -4.71
CA VAL A 532 -25.15 10.17 -4.54
C VAL A 532 -24.24 11.26 -3.99
N GLU A 533 -24.29 12.45 -4.60
CA GLU A 533 -23.42 13.55 -4.22
C GLU A 533 -23.83 14.11 -2.86
N LYS A 534 -22.91 14.85 -2.25
CA LYS A 534 -23.14 15.49 -0.96
C LYS A 534 -22.44 16.83 -0.92
N PHE A 535 -22.96 17.73 -0.09
CA PHE A 535 -22.41 19.06 0.08
C PHE A 535 -21.66 19.14 1.41
N LYS A 536 -20.46 19.69 1.37
CA LYS A 536 -19.75 20.05 2.59
C LYS A 536 -20.47 21.22 3.27
N LEU A 537 -20.61 21.14 4.60
CA LEU A 537 -21.33 22.12 5.38
C LEU A 537 -20.36 22.93 6.23
N ASN A 538 -20.58 24.24 6.28
CA ASN A 538 -19.78 25.13 7.11
C ASN A 538 -20.61 26.10 7.94
N PHE A 539 -21.92 26.24 7.65
CA PHE A 539 -22.85 27.07 8.42
C PHE A 539 -22.39 28.54 8.45
N GLN A 540 -21.84 29.00 7.32
CA GLN A 540 -21.23 30.33 7.12
C GLN A 540 -20.29 30.69 8.27
N MET A 541 -19.47 29.73 8.65
CA MET A 541 -18.55 29.91 9.76
C MET A 541 -17.32 29.03 9.50
N PRO A 542 -16.18 29.65 9.22
CA PRO A 542 -14.99 28.88 8.84
C PRO A 542 -14.41 28.16 10.04
N THR A 543 -13.53 27.20 9.75
CA THR A 543 -12.96 26.26 10.73
C THR A 543 -14.04 25.63 11.60
N LEU A 544 -15.15 25.23 10.96
CA LEU A 544 -16.22 24.55 11.68
C LEU A 544 -15.78 23.15 12.06
N ALA A 545 -15.81 22.85 13.37
CA ALA A 545 -15.35 21.59 13.95
C ALA A 545 -13.90 21.28 13.58
N SER A 546 -13.08 22.33 13.46
CA SER A 546 -11.65 22.12 13.25
C SER A 546 -10.95 21.69 14.53
N GLY A 547 -11.55 21.97 15.68
CA GLY A 547 -11.00 21.53 16.96
C GLY A 547 -12.10 21.47 17.98
N TRP A 548 -11.86 20.67 19.02
CA TRP A 548 -12.84 20.44 20.07
C TRP A 548 -12.51 21.18 21.35
N ASP A 549 -11.42 21.94 21.38
CA ASP A 549 -10.93 22.54 22.62
C ASP A 549 -11.88 23.62 23.11
N VAL A 550 -11.94 23.78 24.44
CA VAL A 550 -12.85 24.73 25.05
C VAL A 550 -12.43 26.18 24.73
N ASN A 551 -11.14 26.43 24.56
CA ASN A 551 -10.69 27.75 24.14
C ASN A 551 -11.14 28.08 22.73
N LYS A 552 -11.06 27.10 21.82
CA LYS A 552 -11.55 27.27 20.45
C LYS A 552 -12.98 26.80 20.28
N GLU A 553 -13.65 26.45 21.38
CA GLU A 553 -15.08 26.16 21.33
C GLU A 553 -15.88 27.40 20.96
N LYS A 554 -15.35 28.58 21.27
CA LYS A 554 -16.01 29.84 20.94
C LYS A 554 -16.12 30.03 19.43
N ASN A 555 -15.07 29.69 18.68
CA ASN A 555 -15.04 29.95 17.24
C ASN A 555 -15.29 28.70 16.39
N ASN A 556 -15.10 27.51 16.92
CA ASN A 556 -15.39 26.29 16.16
C ASN A 556 -16.83 25.83 16.36
N GLY A 557 -17.35 26.00 17.58
CA GLY A 557 -18.77 25.81 17.81
C GLY A 557 -19.26 24.39 17.82
N ALA A 558 -18.38 23.40 17.93
CA ALA A 558 -18.78 22.00 17.92
C ALA A 558 -18.56 21.39 19.29
N ILE A 559 -19.62 20.85 19.89
CA ILE A 559 -19.56 20.25 21.22
C ILE A 559 -20.32 18.93 21.24
N LEU A 560 -19.99 18.09 22.23
CA LEU A 560 -20.61 16.78 22.38
C LEU A 560 -21.33 16.70 23.72
N PHE A 561 -22.38 15.88 23.75
CA PHE A 561 -23.15 15.60 24.96
C PHE A 561 -23.45 14.12 25.02
N VAL A 562 -23.47 13.58 26.23
CA VAL A 562 -23.83 12.19 26.49
C VAL A 562 -25.03 12.17 27.43
N LYS A 563 -26.09 11.48 27.02
CA LYS A 563 -27.31 11.41 27.83
C LYS A 563 -27.84 9.98 27.77
N ASN A 564 -27.77 9.28 28.91
CA ASN A 564 -28.18 7.88 29.12
C ASN A 564 -27.83 6.97 27.94
N GLY A 565 -26.59 7.07 27.47
CA GLY A 565 -26.09 6.22 26.41
C GLY A 565 -26.19 6.81 25.02
N LEU A 566 -27.03 7.82 24.82
CA LEU A 566 -27.13 8.48 23.52
C LEU A 566 -26.11 9.62 23.44
N TYR A 567 -25.71 9.93 22.21
CA TYR A 567 -24.67 10.94 21.96
C TYR A 567 -25.24 12.03 21.08
N TYR A 568 -24.96 13.28 21.43
CA TYR A 568 -25.52 14.44 20.74
C TYR A 568 -24.41 15.41 20.36
N LEU A 569 -24.57 16.04 19.20
CA LEU A 569 -23.63 17.02 18.68
C LEU A 569 -24.31 18.39 18.64
N GLY A 570 -23.67 19.39 19.23
CA GLY A 570 -24.20 20.74 19.29
C GLY A 570 -23.35 21.69 18.45
N ILE A 571 -24.04 22.44 17.59
CA ILE A 571 -23.45 23.44 16.71
C ILE A 571 -24.15 24.76 17.00
N MET A 572 -23.40 25.74 17.53
CA MET A 572 -23.97 27.07 17.75
C MET A 572 -23.61 27.95 16.57
N PRO A 573 -24.56 28.40 15.77
CA PRO A 573 -24.23 29.23 14.61
C PRO A 573 -23.93 30.66 15.06
N LYS A 574 -23.39 31.43 14.12
CA LYS A 574 -23.18 32.85 14.36
C LYS A 574 -24.52 33.57 14.48
N GLN A 575 -24.58 34.55 15.38
CA GLN A 575 -25.82 35.27 15.64
C GLN A 575 -26.02 36.36 14.59
N LYS A 576 -26.99 37.24 14.83
CA LYS A 576 -27.30 38.33 13.89
C LYS A 576 -26.15 39.33 13.90
N GLY A 577 -25.45 39.43 12.77
CA GLY A 577 -24.26 40.26 12.71
C GLY A 577 -23.11 39.60 13.44
N ARG A 578 -22.76 40.14 14.60
CA ARG A 578 -21.74 39.53 15.44
C ARG A 578 -22.26 38.22 16.04
N TYR A 579 -21.32 37.40 16.50
CA TYR A 579 -21.64 36.12 17.13
C TYR A 579 -21.67 36.30 18.63
N LYS A 580 -22.65 35.67 19.28
CA LYS A 580 -22.79 35.71 20.73
C LYS A 580 -22.58 34.30 21.28
N ALA A 581 -21.70 34.19 22.29
CA ALA A 581 -21.40 32.91 22.90
C ALA A 581 -22.54 32.45 23.79
N LEU A 582 -22.52 31.17 24.13
CA LEU A 582 -23.56 30.55 24.96
C LEU A 582 -23.10 30.28 26.38
N SER A 583 -22.00 29.54 26.55
CA SER A 583 -21.28 29.38 27.83
C SER A 583 -22.18 28.80 28.91
N PHE A 584 -22.56 27.53 28.71
CA PHE A 584 -23.33 26.82 29.73
C PHE A 584 -22.54 26.65 31.01
N GLU A 585 -23.19 26.93 32.14
CA GLU A 585 -22.55 26.75 33.44
C GLU A 585 -22.63 25.28 33.86
N PRO A 586 -21.68 24.82 34.67
CA PRO A 586 -21.79 23.47 35.23
C PRO A 586 -22.92 23.36 36.24
N THR A 587 -23.45 22.15 36.39
CA THR A 587 -24.48 21.84 37.36
C THR A 587 -24.12 20.57 38.10
N GLU A 588 -24.93 20.22 39.10
CA GLU A 588 -24.69 19.03 39.90
C GLU A 588 -24.95 17.78 39.06
N LYS A 589 -24.14 16.74 39.29
CA LYS A 589 -24.23 15.51 38.52
C LYS A 589 -25.57 14.81 38.72
N THR A 590 -26.12 14.89 39.94
CA THR A 590 -27.41 14.28 40.24
C THR A 590 -28.56 14.94 39.49
N SER A 591 -28.40 16.18 39.05
CA SER A 591 -29.45 16.84 38.29
C SER A 591 -29.61 16.22 36.91
N GLU A 592 -30.85 16.22 36.43
CA GLU A 592 -31.16 15.66 35.12
C GLU A 592 -30.67 16.60 34.01
N GLY A 593 -30.10 16.02 32.97
CA GLY A 593 -29.66 16.79 31.82
C GLY A 593 -28.50 16.10 31.12
N PHE A 594 -27.95 16.81 30.14
CA PHE A 594 -26.85 16.30 29.34
C PHE A 594 -25.53 16.45 30.08
N ASP A 595 -24.51 15.72 29.59
CA ASP A 595 -23.16 15.78 30.14
C ASP A 595 -22.24 16.32 29.05
N LYS A 596 -21.93 17.61 29.12
CA LYS A 596 -21.04 18.22 28.14
C LYS A 596 -19.62 17.77 28.41
N MET A 597 -18.93 17.38 27.34
CA MET A 597 -17.53 17.00 27.44
C MET A 597 -16.64 18.23 27.34
N TYR A 598 -15.54 18.20 28.08
CA TYR A 598 -14.55 19.27 28.12
C TYR A 598 -13.22 18.72 27.63
N TYR A 599 -12.62 19.42 26.67
CA TYR A 599 -11.55 18.89 25.83
C TYR A 599 -10.33 19.78 26.01
N ASP A 600 -9.42 19.40 26.88
CA ASP A 600 -8.19 20.16 27.10
C ASP A 600 -7.10 19.51 26.26
N TYR A 601 -6.59 20.23 25.27
CA TYR A 601 -5.64 19.63 24.32
C TYR A 601 -4.67 20.72 23.87
N PHE A 602 -3.49 20.73 24.46
CA PHE A 602 -2.37 21.42 23.86
C PHE A 602 -1.85 20.55 22.72
N PRO A 603 -1.82 21.05 21.48
CA PRO A 603 -1.42 20.21 20.34
C PRO A 603 0.05 19.84 20.35
N ASP A 604 0.51 19.21 19.26
CA ASP A 604 1.79 18.53 19.22
C ASP A 604 2.94 19.49 19.52
N ALA A 605 3.79 19.07 20.47
CA ALA A 605 4.87 19.90 21.01
C ALA A 605 5.78 20.47 19.93
N ALA A 606 6.14 19.67 18.93
CA ALA A 606 6.97 20.14 17.81
C ALA A 606 6.42 21.39 17.15
N LYS A 607 5.12 21.43 16.90
CA LYS A 607 4.48 22.56 16.22
C LYS A 607 3.91 23.60 17.18
N MET A 608 4.02 23.41 18.48
CA MET A 608 3.42 24.26 19.49
C MET A 608 4.43 24.96 20.37
N ILE A 609 5.47 24.23 20.82
CA ILE A 609 6.52 24.84 21.65
C ILE A 609 7.20 26.00 20.95
N PRO A 610 7.57 25.94 19.66
CA PRO A 610 8.04 27.17 18.99
C PRO A 610 6.93 28.09 18.51
N LYS A 611 5.66 27.70 18.59
CA LYS A 611 4.59 28.67 18.32
C LYS A 611 4.60 29.80 19.35
N CYS A 612 4.93 29.49 20.59
CA CYS A 612 5.21 30.48 21.60
C CYS A 612 6.71 30.52 21.85
N SER A 613 7.13 31.32 22.84
CA SER A 613 8.55 31.60 23.16
C SER A 613 9.24 32.05 21.87
N THR A 614 10.35 31.43 21.47
CA THR A 614 11.02 31.75 20.21
C THR A 614 10.07 31.58 19.02
N GLN A 615 10.35 32.31 17.94
CA GLN A 615 9.51 32.55 16.75
C GLN A 615 8.34 33.49 17.02
N LEU A 616 8.26 34.07 18.21
CA LEU A 616 7.36 35.19 18.40
C LEU A 616 8.01 36.42 17.76
N LYS A 617 7.19 37.23 17.08
CA LYS A 617 7.72 38.43 16.41
C LYS A 617 8.49 39.32 17.37
N ALA A 618 7.98 39.47 18.60
CA ALA A 618 8.63 40.34 19.59
C ALA A 618 10.03 39.83 19.96
N VAL A 619 10.16 38.54 20.26
CA VAL A 619 11.45 38.02 20.71
C VAL A 619 12.47 38.01 19.56
N THR A 620 12.02 37.65 18.35
CA THR A 620 12.92 37.70 17.19
C THR A 620 13.39 39.12 16.89
N ALA A 621 12.48 40.10 16.92
CA ALA A 621 12.86 41.48 16.70
C ALA A 621 13.84 41.97 17.78
N HIS A 622 13.49 41.73 19.05
CA HIS A 622 14.35 42.12 20.17
C HIS A 622 15.74 41.49 20.05
N PHE A 623 15.79 40.22 19.65
CA PHE A 623 17.08 39.53 19.60
C PHE A 623 17.90 39.96 18.40
N GLN A 624 17.23 40.27 17.29
CA GLN A 624 17.90 40.97 16.19
C GLN A 624 18.45 42.33 16.62
N THR A 625 17.84 42.95 17.63
CA THR A 625 18.37 44.24 18.08
C THR A 625 19.35 44.10 19.24
N HIS A 626 19.08 43.20 20.19
CA HIS A 626 19.87 43.13 21.42
C HIS A 626 20.22 41.69 21.74
N THR A 627 21.27 41.52 22.54
CA THR A 627 21.68 40.22 23.06
C THR A 627 21.13 39.93 24.45
N THR A 628 20.38 40.86 25.03
CA THR A 628 19.86 40.69 26.38
C THR A 628 18.75 39.64 26.39
N PRO A 629 18.72 38.75 27.38
CA PRO A 629 17.57 37.82 27.51
C PRO A 629 16.27 38.58 27.76
N ILE A 630 15.18 38.03 27.26
CA ILE A 630 13.89 38.71 27.27
C ILE A 630 12.93 37.95 28.18
N LEU A 631 12.19 38.70 29.00
CA LEU A 631 11.14 38.15 29.86
C LEU A 631 9.79 38.38 29.20
N LEU A 632 9.03 37.31 29.01
CA LEU A 632 7.66 37.39 28.50
C LEU A 632 6.67 37.01 29.59
N SER A 633 5.56 37.74 29.65
CA SER A 633 4.53 37.54 30.64
C SER A 633 3.13 37.41 30.06
N ASN A 634 2.90 37.78 28.80
CA ASN A 634 1.58 37.66 28.20
C ASN A 634 1.23 36.19 28.00
N ASN A 635 0.02 35.82 28.42
CA ASN A 635 -0.47 34.44 28.42
C ASN A 635 0.45 33.52 29.20
N PHE A 636 0.97 34.01 30.32
CA PHE A 636 1.80 33.25 31.23
C PHE A 636 1.34 33.50 32.66
N ILE A 637 1.40 32.46 33.50
CA ILE A 637 1.13 32.66 34.92
C ILE A 637 2.33 33.20 35.66
N GLU A 638 3.51 33.16 35.04
CA GLU A 638 4.74 33.68 35.62
C GLU A 638 5.65 34.05 34.45
N PRO A 639 6.36 35.17 34.53
CA PRO A 639 7.26 35.57 33.43
C PRO A 639 8.37 34.55 33.17
N LEU A 640 8.62 34.30 31.88
CA LEU A 640 9.59 33.32 31.43
C LEU A 640 10.70 34.06 30.72
N GLU A 641 11.95 33.77 31.09
CA GLU A 641 13.13 34.32 30.46
C GLU A 641 13.61 33.44 29.33
N ILE A 642 14.09 34.06 28.25
CA ILE A 642 14.76 33.37 27.15
C ILE A 642 16.00 34.15 26.76
N THR A 643 17.17 33.52 26.94
CA THR A 643 18.45 34.05 26.51
C THR A 643 18.69 33.77 25.04
N LYS A 644 19.77 34.37 24.52
CA LYS A 644 20.11 34.24 23.10
C LYS A 644 20.51 32.82 22.74
N GLU A 645 20.99 32.05 23.72
CA GLU A 645 21.40 30.68 23.46
C GLU A 645 20.24 29.82 22.96
N ILE A 646 19.07 29.92 23.59
CA ILE A 646 17.94 29.08 23.22
C ILE A 646 17.45 29.40 21.81
N TYR A 647 17.39 30.69 21.47
CA TYR A 647 17.07 31.10 20.11
C TYR A 647 18.14 30.64 19.13
N ASP A 648 19.40 30.53 19.58
CA ASP A 648 20.44 30.01 18.71
C ASP A 648 20.32 28.51 18.48
N LEU A 649 19.93 27.75 19.51
CA LEU A 649 19.65 26.33 19.29
C LEU A 649 18.45 26.11 18.40
N ASN A 650 17.38 26.88 18.60
CA ASN A 650 16.21 26.67 17.74
C ASN A 650 16.42 27.26 16.35
N ASN A 651 17.24 28.31 16.23
CA ASN A 651 17.57 28.92 14.95
C ASN A 651 19.08 29.10 14.84
N PRO A 652 19.80 28.09 14.36
CA PRO A 652 21.26 28.18 14.22
C PRO A 652 21.75 28.64 12.85
N GLU A 653 20.84 29.13 11.99
CA GLU A 653 20.97 29.69 10.63
C GLU A 653 21.28 28.58 9.63
N LYS A 654 21.52 27.37 10.13
CA LYS A 654 21.76 26.18 9.34
C LYS A 654 20.53 25.27 9.44
N GLU A 655 20.37 24.40 8.45
CA GLU A 655 19.25 23.47 8.46
C GLU A 655 19.30 22.47 9.62
N PRO A 656 20.43 21.80 9.94
CA PRO A 656 20.39 20.96 11.14
C PRO A 656 20.53 21.78 12.41
N LYS A 657 19.49 21.75 13.25
CA LYS A 657 19.53 22.39 14.55
C LYS A 657 20.43 21.61 15.50
N LYS A 658 20.92 22.31 16.52
CA LYS A 658 21.94 21.73 17.41
C LYS A 658 21.39 20.58 18.25
N PHE A 659 20.11 20.62 18.61
CA PHE A 659 19.51 19.46 19.27
C PHE A 659 18.95 18.45 18.28
N GLN A 660 18.94 18.77 16.99
CA GLN A 660 18.39 17.86 15.99
C GLN A 660 19.38 16.75 15.68
N THR A 661 18.83 15.59 15.30
CA THR A 661 19.66 14.41 15.06
C THR A 661 20.51 14.54 13.79
N ALA A 662 20.10 15.41 12.85
CA ALA A 662 20.89 15.60 11.63
C ALA A 662 22.24 16.23 11.94
N TYR A 663 22.30 17.10 12.95
CA TYR A 663 23.59 17.67 13.37
C TYR A 663 24.51 16.59 13.92
N ALA A 664 23.97 15.67 14.73
CA ALA A 664 24.78 14.57 15.24
C ALA A 664 25.20 13.60 14.14
N LYS A 665 24.35 13.43 13.12
CA LYS A 665 24.71 12.56 12.00
C LYS A 665 25.83 13.18 11.17
N LYS A 666 25.70 14.46 10.80
CA LYS A 666 26.66 15.09 9.90
C LYS A 666 27.98 15.40 10.61
N THR A 667 27.90 15.98 11.82
CA THR A 667 29.09 16.47 12.48
C THR A 667 29.74 15.43 13.40
N GLY A 668 28.93 14.65 14.12
CA GLY A 668 29.44 13.69 15.06
C GLY A 668 29.81 14.26 16.41
N ASP A 669 29.58 15.54 16.66
CA ASP A 669 29.84 16.14 17.96
C ASP A 669 28.75 15.71 18.94
N GLN A 670 28.97 14.58 19.62
CA GLN A 670 27.92 14.03 20.48
C GLN A 670 27.79 14.79 21.80
N LYS A 671 28.88 15.38 22.30
CA LYS A 671 28.79 16.08 23.58
C LYS A 671 28.08 17.42 23.42
N GLY A 672 28.33 18.14 22.32
CA GLY A 672 27.55 19.33 22.03
C GLY A 672 26.09 19.02 21.76
N TYR A 673 25.82 17.87 21.13
CA TYR A 673 24.45 17.40 20.95
C TYR A 673 23.78 17.15 22.30
N ARG A 674 24.50 16.52 23.23
CA ARG A 674 23.96 16.27 24.56
C ARG A 674 23.69 17.58 25.31
N GLU A 675 24.62 18.54 25.22
CA GLU A 675 24.44 19.82 25.91
C GLU A 675 23.27 20.61 25.32
N ALA A 676 23.16 20.65 23.99
CA ALA A 676 22.05 21.34 23.34
C ALA A 676 20.72 20.69 23.70
N LEU A 677 20.69 19.34 23.71
CA LEU A 677 19.48 18.63 24.10
C LEU A 677 19.09 18.92 25.53
N CYS A 678 20.07 18.93 26.45
CA CYS A 678 19.78 19.20 27.85
C CYS A 678 19.25 20.62 28.05
N LYS A 679 19.87 21.60 27.39
CA LYS A 679 19.40 22.99 27.50
C LYS A 679 17.99 23.15 26.94
N TRP A 680 17.72 22.53 25.77
CA TRP A 680 16.40 22.63 25.18
C TRP A 680 15.35 21.92 26.02
N ILE A 681 15.71 20.78 26.61
CA ILE A 681 14.76 20.01 27.41
C ILE A 681 14.43 20.76 28.69
N ASP A 682 15.45 21.38 29.31
CA ASP A 682 15.19 22.22 30.49
C ASP A 682 14.32 23.41 30.14
N PHE A 683 14.57 24.02 28.98
CA PHE A 683 13.78 25.18 28.55
C PHE A 683 12.32 24.80 28.33
N THR A 684 12.08 23.68 27.64
CA THR A 684 10.70 23.28 27.38
C THR A 684 10.02 22.78 28.65
N ARG A 685 10.78 22.24 29.60
CA ARG A 685 10.19 21.90 30.90
C ARG A 685 9.78 23.15 31.67
N ASP A 686 10.62 24.19 31.63
CA ASP A 686 10.25 25.46 32.25
C ASP A 686 9.03 26.08 31.60
N PHE A 687 8.96 26.01 30.26
CA PHE A 687 7.79 26.53 29.55
C PHE A 687 6.54 25.76 29.93
N LEU A 688 6.62 24.42 29.96
CA LEU A 688 5.49 23.59 30.37
C LEU A 688 5.05 23.89 31.79
N SER A 689 5.99 24.23 32.66
CA SER A 689 5.65 24.63 34.03
C SER A 689 5.04 26.04 34.08
N LYS A 690 5.40 26.93 33.15
CA LYS A 690 5.02 28.34 33.25
C LYS A 690 3.84 28.74 32.36
N TYR A 691 3.59 28.02 31.26
CA TYR A 691 2.53 28.42 30.35
C TYR A 691 1.16 28.16 30.96
N THR A 692 0.20 29.05 30.68
CA THR A 692 -1.08 29.03 31.37
C THR A 692 -1.94 27.82 31.01
N LYS A 693 -1.80 27.30 29.79
CA LYS A 693 -2.53 26.09 29.42
C LYS A 693 -1.93 24.85 30.06
N THR A 694 -0.63 24.87 30.36
CA THR A 694 0.08 23.67 30.77
C THR A 694 0.54 23.68 32.22
N THR A 695 0.38 24.80 32.94
CA THR A 695 0.80 24.84 34.33
C THR A 695 -0.09 23.99 35.22
N SER A 696 -1.34 23.73 34.82
CA SER A 696 -2.22 22.88 35.59
C SER A 696 -1.88 21.40 35.42
N ILE A 697 -1.30 21.03 34.28
CA ILE A 697 -1.01 19.65 33.97
C ILE A 697 0.22 19.20 34.75
N ASP A 698 0.13 18.03 35.38
CA ASP A 698 1.27 17.47 36.08
C ASP A 698 2.24 16.84 35.09
N LEU A 699 3.53 17.12 35.27
CA LEU A 699 4.58 16.57 34.41
C LEU A 699 5.61 15.80 35.24
N SER A 700 5.19 15.26 36.38
CA SER A 700 6.11 14.53 37.25
C SER A 700 6.46 13.15 36.70
N SER A 701 5.68 12.64 35.74
CA SER A 701 5.93 11.34 35.15
C SER A 701 7.12 11.34 34.19
N LEU A 702 7.65 12.51 33.85
CA LEU A 702 8.76 12.59 32.91
C LEU A 702 10.05 12.10 33.56
N ARG A 703 10.88 11.46 32.73
CA ARG A 703 12.22 11.09 33.15
C ARG A 703 13.08 12.35 33.34
N PRO A 704 14.10 12.28 34.21
CA PRO A 704 15.05 13.39 34.33
C PRO A 704 15.75 13.71 33.01
N SER A 705 16.15 14.98 32.88
CA SER A 705 16.44 15.60 31.59
C SER A 705 17.63 14.95 30.88
N SER A 706 18.70 14.66 31.62
CA SER A 706 19.93 14.19 31.00
C SER A 706 19.86 12.76 30.46
N GLN A 707 18.78 12.02 30.75
CA GLN A 707 18.70 10.61 30.39
C GLN A 707 17.99 10.35 29.07
N TYR A 708 17.52 11.38 28.36
CA TYR A 708 16.86 11.16 27.08
C TYR A 708 17.91 11.05 25.98
N LYS A 709 17.92 9.92 25.27
CA LYS A 709 18.93 9.72 24.24
C LYS A 709 18.62 10.54 22.98
N ASP A 710 17.35 10.86 22.75
CA ASP A 710 16.97 11.70 21.62
C ASP A 710 15.62 12.32 21.97
N LEU A 711 15.35 13.46 21.36
CA LEU A 711 14.17 14.23 21.72
C LEU A 711 12.92 13.77 20.98
N GLY A 712 13.05 12.93 19.94
CA GLY A 712 11.88 12.35 19.33
C GLY A 712 11.13 11.44 20.28
N GLU A 713 11.86 10.62 21.03
CA GLU A 713 11.26 9.79 22.06
C GLU A 713 10.67 10.64 23.18
N TYR A 714 11.34 11.75 23.53
CA TYR A 714 10.79 12.66 24.53
C TYR A 714 9.48 13.27 24.07
N TYR A 715 9.40 13.69 22.82
CA TYR A 715 8.17 14.29 22.31
C TYR A 715 7.06 13.26 22.23
N ALA A 716 7.39 12.02 21.85
CA ALA A 716 6.39 10.96 21.84
C ALA A 716 5.94 10.60 23.26
N GLU A 717 6.80 10.80 24.26
CA GLU A 717 6.41 10.62 25.65
C GLU A 717 5.55 11.78 26.15
N LEU A 718 5.91 13.01 25.76
CA LEU A 718 5.29 14.21 26.31
C LEU A 718 3.91 14.46 25.73
N ASN A 719 3.71 14.14 24.44
CA ASN A 719 2.46 14.43 23.76
C ASN A 719 1.21 13.80 24.40
N PRO A 720 1.19 12.53 24.85
CA PRO A 720 -0.02 12.02 25.52
C PRO A 720 -0.34 12.71 26.84
N LEU A 721 0.64 13.33 27.50
CA LEU A 721 0.37 13.98 28.77
C LEU A 721 -0.36 15.31 28.61
N LEU A 722 -0.49 15.83 27.40
CA LEU A 722 -1.13 17.12 27.14
C LEU A 722 -2.53 16.95 26.56
N TYR A 723 -3.28 15.96 27.02
CA TYR A 723 -4.59 15.67 26.44
C TYR A 723 -5.48 15.12 27.53
N HIS A 724 -6.62 15.77 27.76
CA HIS A 724 -7.54 15.35 28.81
C HIS A 724 -8.98 15.62 28.37
N ILE A 725 -9.88 14.74 28.84
CA ILE A 725 -11.31 14.87 28.60
C ILE A 725 -12.02 14.74 29.93
N SER A 726 -12.87 15.71 30.26
CA SER A 726 -13.73 15.66 31.43
C SER A 726 -15.18 15.68 30.98
N PHE A 727 -16.08 15.46 31.92
CA PHE A 727 -17.51 15.51 31.64
C PHE A 727 -18.22 16.22 32.78
N GLN A 728 -19.06 17.22 32.44
CA GLN A 728 -19.79 17.97 33.44
C GLN A 728 -21.27 18.02 33.08
N ARG A 729 -22.13 17.80 34.07
CA ARG A 729 -23.56 17.80 33.84
C ARG A 729 -24.07 19.19 33.53
N ILE A 730 -24.93 19.30 32.51
CA ILE A 730 -25.58 20.54 32.12
C ILE A 730 -27.08 20.35 32.27
N ALA A 731 -27.76 21.37 32.81
CA ALA A 731 -29.19 21.29 33.03
C ALA A 731 -29.95 21.14 31.72
N GLU A 732 -30.99 20.29 31.74
CA GLU A 732 -31.78 20.00 30.55
C GLU A 732 -32.54 21.23 30.08
N LYS A 733 -33.06 22.02 31.03
CA LYS A 733 -33.91 23.14 30.70
C LYS A 733 -33.18 24.20 29.89
N GLU A 734 -31.95 24.53 30.28
CA GLU A 734 -31.14 25.49 29.52
C GLU A 734 -30.86 24.97 28.11
N ILE A 735 -30.59 23.68 27.99
CA ILE A 735 -30.24 23.08 26.69
C ILE A 735 -31.42 23.18 25.74
N MET A 736 -32.61 22.76 26.19
CA MET A 736 -33.70 22.78 25.24
C MET A 736 -34.36 24.15 25.14
N ASP A 737 -34.03 25.09 26.03
CA ASP A 737 -34.35 26.49 25.77
C ASP A 737 -33.44 27.07 24.69
N ALA A 738 -32.16 26.71 24.69
CA ALA A 738 -31.27 27.14 23.63
C ALA A 738 -31.70 26.54 22.30
N VAL A 739 -32.16 25.29 22.34
CA VAL A 739 -32.68 24.64 21.14
C VAL A 739 -33.97 25.34 20.70
N GLU A 740 -34.83 25.71 21.65
CA GLU A 740 -36.12 26.31 21.33
C GLU A 740 -35.97 27.69 20.67
N THR A 741 -35.02 28.50 21.12
CA THR A 741 -34.81 29.78 20.45
C THR A 741 -34.06 29.66 19.13
N GLY A 742 -33.48 28.49 18.84
CA GLY A 742 -32.65 28.37 17.66
C GLY A 742 -31.24 28.85 17.83
N LYS A 743 -30.87 29.30 19.04
CA LYS A 743 -29.52 29.76 19.31
C LYS A 743 -28.52 28.62 19.33
N LEU A 744 -28.98 27.41 19.64
CA LEU A 744 -28.13 26.22 19.61
C LEU A 744 -28.79 25.16 18.74
N TYR A 745 -28.04 24.63 17.79
CA TYR A 745 -28.50 23.53 16.96
C TYR A 745 -28.04 22.21 17.56
N LEU A 746 -28.96 21.26 17.67
CA LEU A 746 -28.66 19.98 18.31
C LEU A 746 -29.01 18.84 17.38
N PHE A 747 -28.09 17.90 17.22
CA PHE A 747 -28.31 16.67 16.48
C PHE A 747 -27.94 15.50 17.37
N GLN A 748 -28.40 14.31 16.98
CA GLN A 748 -28.04 13.08 17.65
C GLN A 748 -27.17 12.25 16.71
N ILE A 749 -26.00 11.84 17.21
CA ILE A 749 -25.17 10.89 16.48
C ILE A 749 -25.87 9.54 16.47
N TYR A 750 -25.99 8.94 15.29
CA TYR A 750 -26.86 7.80 15.13
C TYR A 750 -26.29 6.86 14.08
N ASN A 751 -26.52 5.57 14.29
CA ASN A 751 -26.32 4.53 13.29
C ASN A 751 -27.34 3.44 13.58
N LYS A 752 -27.12 2.26 13.01
CA LYS A 752 -28.04 1.14 13.24
C LYS A 752 -28.02 0.70 14.70
N ASP A 753 -26.84 0.75 15.33
CA ASP A 753 -26.67 0.17 16.66
C ASP A 753 -27.33 0.98 17.77
N PHE A 754 -27.59 2.26 17.55
CA PHE A 754 -28.20 3.10 18.58
C PHE A 754 -29.72 3.09 18.52
N ALA A 755 -30.31 2.28 17.64
CA ALA A 755 -31.76 2.16 17.59
C ALA A 755 -32.28 1.44 18.84
N LYS A 756 -33.56 1.68 19.14
CA LYS A 756 -34.17 1.08 20.32
C LYS A 756 -34.38 -0.43 20.15
N GLY A 757 -34.44 -0.93 18.92
CA GLY A 757 -34.62 -2.34 18.68
C GLY A 757 -33.31 -3.09 18.50
N HIS A 758 -32.20 -2.49 18.93
CA HIS A 758 -30.90 -3.14 18.83
C HIS A 758 -30.86 -4.35 19.76
N HIS A 759 -30.43 -5.49 19.22
CA HIS A 759 -30.54 -6.74 19.96
C HIS A 759 -29.24 -7.53 20.00
N GLY A 760 -28.41 -7.42 18.96
CA GLY A 760 -27.25 -8.25 18.79
C GLY A 760 -25.94 -7.54 19.05
N LYS A 761 -24.87 -8.13 18.52
CA LYS A 761 -23.52 -7.60 18.71
C LYS A 761 -23.36 -6.31 17.90
N PRO A 762 -22.80 -5.25 18.47
CA PRO A 762 -22.65 -4.00 17.74
C PRO A 762 -21.47 -4.01 16.77
N ASN A 763 -21.45 -2.99 15.91
CA ASN A 763 -20.43 -2.84 14.88
C ASN A 763 -19.10 -2.43 15.50
N LEU A 764 -18.02 -2.55 14.70
CA LEU A 764 -16.70 -2.20 15.19
C LEU A 764 -16.57 -0.71 15.48
N HIS A 765 -17.09 0.14 14.59
CA HIS A 765 -17.04 1.58 14.81
C HIS A 765 -17.83 1.98 16.04
N THR A 766 -18.95 1.30 16.31
CA THR A 766 -19.66 1.50 17.56
C THR A 766 -18.81 1.10 18.75
N LEU A 767 -18.00 0.04 18.60
CA LEU A 767 -17.10 -0.35 19.69
C LEU A 767 -16.04 0.70 19.95
N TYR A 768 -15.44 1.28 18.89
CA TYR A 768 -14.49 2.36 19.09
C TYR A 768 -15.15 3.60 19.70
N TRP A 769 -16.35 3.93 19.25
CA TRP A 769 -17.05 5.09 19.78
C TRP A 769 -17.42 4.91 21.25
N THR A 770 -17.84 3.70 21.63
CA THR A 770 -18.15 3.43 23.03
C THR A 770 -16.88 3.42 23.89
N GLY A 771 -15.80 2.81 23.38
CA GLY A 771 -14.56 2.78 24.12
C GLY A 771 -13.87 4.13 24.23
N LEU A 772 -14.20 5.06 23.34
CA LEU A 772 -13.66 6.41 23.45
C LEU A 772 -14.17 7.12 24.70
N PHE A 773 -15.44 6.94 25.02
CA PHE A 773 -16.07 7.60 26.17
C PHE A 773 -16.18 6.69 27.39
N SER A 774 -15.51 5.54 27.38
CA SER A 774 -15.48 4.69 28.55
C SER A 774 -14.65 5.33 29.66
N PRO A 775 -15.03 5.12 30.94
CA PRO A 775 -14.38 5.84 32.04
C PRO A 775 -12.90 5.54 32.22
N GLU A 776 -12.48 4.27 32.09
CA GLU A 776 -11.07 3.97 32.22
C GLU A 776 -10.26 4.42 31.01
N ASN A 777 -10.91 4.68 29.88
CA ASN A 777 -10.21 5.37 28.79
C ASN A 777 -10.05 6.85 29.11
N LEU A 778 -11.01 7.45 29.83
CA LEU A 778 -10.84 8.82 30.31
C LEU A 778 -9.75 8.90 31.37
N ALA A 779 -9.56 7.84 32.15
CA ALA A 779 -8.49 7.81 33.13
C ALA A 779 -7.13 7.78 32.46
N LYS A 780 -6.95 6.92 31.46
CA LYS A 780 -5.73 6.87 30.66
C LYS A 780 -6.14 6.69 29.21
N THR A 781 -5.73 7.63 28.35
CA THR A 781 -6.26 7.71 27.00
C THR A 781 -5.47 6.77 26.09
N SER A 782 -6.11 5.68 25.68
CA SER A 782 -5.58 4.80 24.65
C SER A 782 -6.19 5.06 23.28
N ILE A 783 -7.41 5.56 23.22
CA ILE A 783 -8.04 5.97 21.98
C ILE A 783 -8.25 7.47 22.07
N LYS A 784 -7.72 8.21 21.11
CA LYS A 784 -7.72 9.67 21.17
C LYS A 784 -8.72 10.23 20.16
N LEU A 785 -9.53 11.18 20.61
CA LEU A 785 -10.47 11.89 19.74
C LEU A 785 -9.75 13.03 19.01
N ASN A 786 -9.73 12.97 17.69
CA ASN A 786 -9.07 13.97 16.87
C ASN A 786 -10.02 15.12 16.56
N GLY A 787 -9.45 16.22 16.08
CA GLY A 787 -10.21 17.32 15.55
C GLY A 787 -10.58 17.06 14.11
N GLN A 788 -10.76 18.15 13.34
CA GLN A 788 -10.97 18.10 11.88
C GLN A 788 -12.18 17.24 11.52
N ALA A 789 -13.32 17.58 12.09
CA ALA A 789 -14.55 16.89 11.80
C ALA A 789 -15.33 17.59 10.70
N GLU A 790 -16.00 16.82 9.87
CA GLU A 790 -16.70 17.37 8.72
C GLU A 790 -18.18 17.05 8.79
N LEU A 791 -18.98 17.95 8.21
CA LEU A 791 -20.42 17.78 8.08
C LEU A 791 -20.78 17.73 6.61
N PHE A 792 -21.73 16.86 6.26
CA PHE A 792 -22.16 16.73 4.88
C PHE A 792 -23.67 16.65 4.82
N TYR A 793 -24.22 17.05 3.68
CA TYR A 793 -25.66 17.01 3.45
C TYR A 793 -25.91 16.24 2.16
N ARG A 794 -26.78 15.24 2.22
CA ARG A 794 -27.12 14.44 1.06
C ARG A 794 -28.59 14.64 0.71
N PRO A 795 -28.91 15.20 -0.46
CA PRO A 795 -30.30 15.45 -0.84
C PRO A 795 -31.06 14.17 -1.19
N ARG A 867 -33.20 4.67 2.74
CA ARG A 867 -32.08 5.55 3.07
C ARG A 867 -32.14 6.82 2.25
N PHE A 868 -32.25 6.66 0.93
CA PHE A 868 -32.24 7.78 -0.02
C PHE A 868 -33.62 8.36 -0.25
N THR A 869 -34.61 8.00 0.58
CA THR A 869 -35.95 8.56 0.44
C THR A 869 -35.97 10.05 0.74
N SER A 870 -35.24 10.48 1.76
CA SER A 870 -35.19 11.89 2.14
C SER A 870 -33.74 12.33 2.32
N ASP A 871 -33.56 13.63 2.53
CA ASP A 871 -32.23 14.18 2.75
C ASP A 871 -31.69 13.75 4.10
N LYS A 872 -30.36 13.61 4.18
CA LYS A 872 -29.71 13.14 5.39
C LYS A 872 -28.50 14.01 5.71
N PHE A 873 -28.14 14.03 6.99
CA PHE A 873 -26.98 14.76 7.48
C PHE A 873 -25.93 13.77 7.95
N PHE A 874 -24.72 13.88 7.43
CA PHE A 874 -23.63 12.96 7.75
C PHE A 874 -22.56 13.69 8.54
N PHE A 875 -21.97 12.99 9.51
CA PHE A 875 -20.94 13.54 10.37
C PHE A 875 -19.74 12.61 10.32
N HIS A 876 -18.59 13.15 9.91
CA HIS A 876 -17.36 12.37 9.77
C HIS A 876 -16.36 12.87 10.80
N VAL A 877 -15.82 11.94 11.59
CA VAL A 877 -14.91 12.32 12.67
C VAL A 877 -13.73 11.35 12.72
N PRO A 878 -12.50 11.84 12.71
CA PRO A 878 -11.35 10.94 12.81
C PRO A 878 -10.93 10.71 14.26
N ILE A 879 -10.32 9.55 14.49
CA ILE A 879 -9.83 9.16 15.79
C ILE A 879 -8.43 8.58 15.59
N THR A 880 -7.70 8.47 16.70
CA THR A 880 -6.36 7.93 16.71
C THR A 880 -6.31 6.85 17.79
N LEU A 881 -5.90 5.65 17.39
CA LEU A 881 -5.81 4.52 18.29
C LEU A 881 -4.36 4.23 18.63
N ASN A 882 -4.16 3.62 19.80
CA ASN A 882 -2.84 3.43 20.41
C ASN A 882 -2.08 4.75 20.54
N TYR A 883 -2.77 5.76 21.08
CA TYR A 883 -2.21 7.09 21.19
C TYR A 883 -1.01 7.15 22.13
N GLN A 884 -0.95 6.25 23.12
CA GLN A 884 0.19 6.22 24.02
C GLN A 884 1.48 5.78 23.34
N ALA A 885 1.39 5.10 22.20
CA ALA A 885 2.57 4.57 21.52
C ALA A 885 3.18 5.64 20.61
N ALA A 886 4.25 5.26 19.92
CA ALA A 886 4.96 6.19 19.05
C ALA A 886 4.16 6.47 17.78
N ASN A 887 4.56 7.53 17.08
CA ASN A 887 3.84 7.93 15.87
C ASN A 887 4.16 7.03 14.69
N SER A 888 5.34 6.42 14.68
CA SER A 888 5.78 5.62 13.54
C SER A 888 6.34 4.29 14.03
N PRO A 889 6.13 3.22 13.26
CA PRO A 889 6.77 1.94 13.60
C PRO A 889 8.28 2.00 13.45
N SER A 890 8.96 1.22 14.27
CA SER A 890 10.42 1.20 14.27
C SER A 890 10.88 -0.24 14.48
N LYS A 891 11.58 -0.78 13.47
CA LYS A 891 12.13 -2.14 13.50
C LYS A 891 11.04 -3.18 13.78
N PHE A 892 9.89 -3.01 13.14
CA PHE A 892 8.75 -3.88 13.38
C PHE A 892 9.03 -5.30 12.93
N ASN A 893 9.57 -5.45 11.72
CA ASN A 893 9.92 -6.76 11.20
C ASN A 893 11.02 -7.41 12.03
N GLN A 894 11.95 -6.61 12.56
CA GLN A 894 13.00 -7.14 13.42
C GLN A 894 12.41 -7.70 14.71
N ARG A 895 11.43 -6.99 15.29
CA ARG A 895 10.75 -7.48 16.49
C ARG A 895 10.00 -8.77 16.21
N VAL A 896 9.32 -8.84 15.06
CA VAL A 896 8.59 -10.06 14.71
C VAL A 896 9.55 -11.24 14.53
N ASN A 897 10.69 -11.01 13.87
CA ASN A 897 11.66 -12.08 13.70
C ASN A 897 12.29 -12.49 15.04
N ALA A 898 12.48 -11.54 15.95
CA ALA A 898 12.97 -11.89 17.28
C ALA A 898 11.99 -12.78 18.02
N TYR A 899 10.69 -12.46 17.94
CA TYR A 899 9.69 -13.33 18.56
C TYR A 899 9.65 -14.70 17.89
N LEU A 900 9.77 -14.74 16.56
CA LEU A 900 9.73 -16.00 15.82
C LEU A 900 10.93 -16.87 16.16
N LYS A 901 12.10 -16.27 16.32
CA LYS A 901 13.27 -17.03 16.78
C LYS A 901 13.11 -17.48 18.22
N GLU A 902 12.45 -16.68 19.07
CA GLU A 902 12.18 -17.12 20.43
C GLU A 902 11.06 -18.15 20.51
N HIS A 903 10.22 -18.26 19.49
CA HIS A 903 9.09 -19.18 19.47
C HIS A 903 9.13 -20.01 18.19
N PRO A 904 9.95 -21.06 18.16
CA PRO A 904 10.01 -21.89 16.93
C PRO A 904 8.81 -22.80 16.74
N GLU A 905 7.94 -22.96 17.74
CA GLU A 905 6.82 -23.87 17.67
C GLU A 905 5.56 -23.24 17.08
N THR A 906 5.67 -22.02 16.55
CA THR A 906 4.51 -21.33 15.99
C THR A 906 4.06 -22.00 14.70
N PRO A 907 2.77 -22.27 14.53
CA PRO A 907 2.26 -22.85 13.27
C PRO A 907 2.33 -21.90 12.09
N ILE A 908 1.87 -22.36 10.93
CA ILE A 908 1.84 -21.56 9.71
C ILE A 908 0.50 -21.80 9.01
N ILE A 909 -0.18 -20.72 8.62
CA ILE A 909 -1.41 -20.81 7.84
C ILE A 909 -1.11 -20.38 6.42
N GLY A 910 -1.24 -21.34 5.50
CA GLY A 910 -1.13 -21.04 4.08
C GLY A 910 -2.47 -20.72 3.45
N ILE A 911 -2.47 -19.68 2.61
CA ILE A 911 -3.67 -19.18 1.96
C ILE A 911 -3.54 -19.47 0.47
N ASP A 912 -4.58 -20.03 -0.15
CA ASP A 912 -4.44 -20.36 -1.57
C ASP A 912 -5.76 -20.05 -2.27
N ARG A 913 -5.68 -19.78 -3.57
CA ARG A 913 -6.86 -19.57 -4.43
C ARG A 913 -7.16 -20.87 -5.16
N GLY A 914 -8.28 -21.49 -4.84
CA GLY A 914 -8.59 -22.81 -5.37
C GLY A 914 -9.50 -22.74 -6.59
N GLU A 915 -9.62 -23.89 -7.26
CA GLU A 915 -10.43 -23.96 -8.47
C GLU A 915 -11.90 -24.14 -8.12
N ARG A 916 -12.22 -25.17 -7.34
CA ARG A 916 -13.61 -25.36 -6.89
C ARG A 916 -13.92 -24.46 -5.70
N ASN A 917 -13.18 -24.65 -4.60
CA ASN A 917 -13.27 -23.76 -3.46
C ASN A 917 -12.67 -22.41 -3.79
N LEU A 918 -13.30 -21.33 -3.34
CA LEU A 918 -12.82 -19.99 -3.68
C LEU A 918 -11.50 -19.67 -2.99
N ILE A 919 -11.41 -19.91 -1.69
CA ILE A 919 -10.19 -19.69 -0.92
C ILE A 919 -9.98 -20.89 -0.02
N TYR A 920 -8.79 -21.48 -0.05
CA TYR A 920 -8.49 -22.64 0.77
C TYR A 920 -7.44 -22.31 1.84
N ILE A 921 -7.62 -22.94 3.01
CA ILE A 921 -6.87 -22.64 4.22
C ILE A 921 -6.13 -23.91 4.61
N THR A 922 -4.83 -23.80 4.90
CA THR A 922 -4.15 -24.91 5.57
C THR A 922 -3.38 -24.38 6.76
N VAL A 923 -3.38 -25.15 7.84
CA VAL A 923 -2.62 -24.83 9.05
C VAL A 923 -1.73 -26.03 9.35
N ILE A 924 -0.42 -25.79 9.36
CA ILE A 924 0.59 -26.82 9.60
C ILE A 924 1.48 -26.38 10.76
N ASP A 925 2.27 -27.33 11.28
CA ASP A 925 3.13 -27.10 12.43
C ASP A 925 4.54 -26.72 12.00
N SER A 926 5.48 -26.73 12.95
CA SER A 926 6.89 -26.46 12.64
C SER A 926 7.55 -27.58 11.85
N THR A 927 7.11 -28.83 12.03
CA THR A 927 7.73 -29.96 11.35
C THR A 927 7.12 -30.21 9.97
N GLY A 928 6.13 -29.42 9.57
CA GLY A 928 5.48 -29.59 8.29
C GLY A 928 4.27 -30.49 8.29
N LYS A 929 3.98 -31.18 9.39
CA LYS A 929 2.75 -31.97 9.48
C LYS A 929 1.56 -31.03 9.57
N ILE A 930 0.53 -31.31 8.76
CA ILE A 930 -0.64 -30.43 8.72
C ILE A 930 -1.49 -30.61 9.98
N LEU A 931 -2.29 -29.59 10.27
CA LEU A 931 -3.25 -29.64 11.36
C LEU A 931 -4.67 -29.38 10.91
N GLU A 932 -4.89 -28.52 9.92
CA GLU A 932 -6.27 -28.21 9.54
C GLU A 932 -6.34 -27.81 8.08
N GLN A 933 -7.27 -28.42 7.35
CA GLN A 933 -7.64 -27.99 6.01
C GLN A 933 -9.04 -27.42 6.03
N ARG A 934 -9.28 -26.36 5.27
CA ARG A 934 -10.60 -25.74 5.26
C ARG A 934 -10.88 -25.13 3.90
N SER A 935 -12.11 -25.29 3.43
CA SER A 935 -12.61 -24.60 2.25
C SER A 935 -13.54 -23.48 2.71
N LEU A 936 -13.22 -22.24 2.34
CA LEU A 936 -14.00 -21.06 2.71
C LEU A 936 -15.09 -20.69 1.72
N ASN A 937 -15.62 -21.64 0.93
CA ASN A 937 -16.75 -21.30 0.06
C ASN A 937 -17.98 -20.97 0.89
N THR A 938 -18.20 -21.70 1.98
CA THR A 938 -19.32 -21.48 2.87
C THR A 938 -18.82 -20.74 4.11
N ILE A 939 -19.24 -19.49 4.26
CA ILE A 939 -18.87 -18.66 5.39
C ILE A 939 -20.14 -18.27 6.12
N GLN A 940 -20.22 -18.61 7.41
CA GLN A 940 -21.40 -18.43 8.26
C GLN A 940 -22.64 -19.07 7.62
N GLN A 941 -22.53 -20.39 7.44
CA GLN A 941 -23.55 -21.29 6.84
C GLN A 941 -24.16 -20.75 5.54
N PHE A 942 -23.38 -19.99 4.78
CA PHE A 942 -23.81 -19.48 3.48
C PHE A 942 -22.74 -19.79 2.45
N ASP A 943 -23.05 -20.68 1.52
CA ASP A 943 -22.15 -20.96 0.40
C ASP A 943 -22.08 -19.74 -0.52
N TYR A 944 -20.90 -19.52 -1.10
CA TYR A 944 -20.68 -18.38 -1.98
C TYR A 944 -20.35 -18.75 -3.41
N GLN A 945 -19.81 -19.96 -3.65
CA GLN A 945 -19.66 -20.43 -5.02
C GLN A 945 -21.01 -20.62 -5.70
N LYS A 946 -21.99 -21.13 -4.94
CA LYS A 946 -23.34 -21.36 -5.47
C LYS A 946 -24.08 -20.06 -5.78
N LYS A 947 -23.60 -18.93 -5.29
CA LYS A 947 -24.12 -17.64 -5.70
C LYS A 947 -23.41 -17.11 -6.94
N LEU A 948 -22.08 -17.27 -6.98
CA LEU A 948 -21.29 -16.76 -8.10
C LEU A 948 -21.63 -17.48 -9.40
N ASP A 949 -21.81 -18.80 -9.35
CA ASP A 949 -22.04 -19.55 -10.59
C ASP A 949 -23.42 -19.25 -11.17
N ASN A 950 -24.44 -19.14 -10.33
CA ASN A 950 -25.78 -18.87 -10.86
C ASN A 950 -26.06 -17.38 -11.02
N ARG A 951 -25.17 -16.49 -10.56
CA ARG A 951 -25.32 -15.08 -10.88
C ARG A 951 -24.43 -14.63 -12.05
N GLU A 952 -23.39 -15.40 -12.39
CA GLU A 952 -22.56 -15.01 -13.52
C GLU A 952 -23.23 -15.26 -14.86
N LYS A 953 -24.26 -16.10 -14.90
CA LYS A 953 -25.01 -16.32 -16.13
C LYS A 953 -26.40 -15.68 -16.05
N THR A 967 -23.00 -6.87 -11.45
CA THR A 967 -22.47 -6.55 -10.13
C THR A 967 -21.74 -7.73 -9.52
N ILE A 968 -20.64 -8.14 -10.16
CA ILE A 968 -19.82 -9.22 -9.60
C ILE A 968 -18.86 -8.67 -8.55
N LYS A 969 -18.33 -7.46 -8.80
CA LYS A 969 -17.23 -6.92 -7.99
C LYS A 969 -17.64 -6.68 -6.54
N ASP A 970 -18.85 -6.16 -6.32
CA ASP A 970 -19.29 -5.91 -4.95
C ASP A 970 -19.55 -7.22 -4.21
N LEU A 971 -20.02 -8.26 -4.90
CA LEU A 971 -20.13 -9.57 -4.27
C LEU A 971 -18.76 -10.13 -3.90
N LYS A 972 -17.76 -9.93 -4.76
CA LYS A 972 -16.40 -10.37 -4.45
C LYS A 972 -15.85 -9.63 -3.24
N GLN A 973 -16.10 -8.31 -3.18
CA GLN A 973 -15.69 -7.52 -2.03
C GLN A 973 -16.35 -8.00 -0.74
N GLY A 974 -17.66 -8.28 -0.82
CA GLY A 974 -18.35 -8.80 0.35
C GLY A 974 -17.85 -10.16 0.79
N TYR A 975 -17.52 -11.03 -0.17
CA TYR A 975 -16.98 -12.34 0.16
C TYR A 975 -15.64 -12.23 0.86
N LEU A 976 -14.77 -11.34 0.37
CA LEU A 976 -13.47 -11.16 1.02
C LEU A 976 -13.64 -10.54 2.40
N SER A 977 -14.61 -9.64 2.56
CA SER A 977 -14.88 -9.08 3.87
C SER A 977 -15.39 -10.13 4.86
N GLN A 978 -16.18 -11.12 4.39
CA GLN A 978 -16.58 -12.19 5.30
C GLN A 978 -15.42 -13.12 5.64
N VAL A 979 -14.59 -13.48 4.66
CA VAL A 979 -13.52 -14.43 4.96
C VAL A 979 -12.38 -13.79 5.74
N ILE A 980 -12.32 -12.45 5.80
CA ILE A 980 -11.26 -11.82 6.58
C ILE A 980 -11.46 -12.10 8.08
N HIS A 981 -12.71 -12.23 8.53
CA HIS A 981 -12.95 -12.56 9.93
C HIS A 981 -12.49 -13.99 10.23
N GLU A 982 -12.70 -14.91 9.28
CA GLU A 982 -12.28 -16.29 9.47
C GLU A 982 -10.75 -16.41 9.54
N ILE A 983 -10.04 -15.73 8.64
CA ILE A 983 -8.58 -15.85 8.67
C ILE A 983 -8.03 -15.19 9.93
N VAL A 984 -8.62 -14.09 10.36
CA VAL A 984 -8.12 -13.46 11.59
C VAL A 984 -8.47 -14.29 12.82
N ASP A 985 -9.59 -15.03 12.78
CA ASP A 985 -9.91 -15.93 13.89
C ASP A 985 -8.93 -17.08 13.98
N LEU A 986 -8.58 -17.69 12.86
CA LEU A 986 -7.56 -18.74 12.87
C LEU A 986 -6.20 -18.20 13.29
N MET A 987 -5.85 -17.01 12.81
CA MET A 987 -4.60 -16.37 13.19
C MET A 987 -4.50 -16.15 14.70
N ILE A 988 -5.54 -15.60 15.30
CA ILE A 988 -5.50 -15.31 16.74
C ILE A 988 -5.71 -16.59 17.56
N HIS A 989 -6.30 -17.63 16.97
CA HIS A 989 -6.49 -18.88 17.68
C HIS A 989 -5.19 -19.69 17.74
N TYR A 990 -4.38 -19.64 16.69
CA TYR A 990 -3.19 -20.47 16.64
C TYR A 990 -1.91 -19.73 17.02
N GLN A 991 -1.97 -18.42 17.23
CA GLN A 991 -0.81 -17.59 17.61
C GLN A 991 0.33 -17.78 16.58
N ALA A 992 -0.06 -17.85 15.32
CA ALA A 992 0.82 -18.30 14.27
C ALA A 992 1.14 -17.17 13.29
N VAL A 993 1.79 -17.54 12.18
CA VAL A 993 2.04 -16.62 11.08
C VAL A 993 1.25 -17.10 9.87
N VAL A 994 0.93 -16.17 8.98
CA VAL A 994 0.16 -16.45 7.79
C VAL A 994 1.02 -16.15 6.56
N VAL A 995 0.82 -16.94 5.50
CA VAL A 995 1.52 -16.74 4.24
C VAL A 995 0.49 -16.64 3.12
N LEU A 996 0.74 -15.67 2.24
CA LEU A 996 -0.05 -15.37 1.04
C LEU A 996 0.89 -15.44 -0.15
N GLU A 997 0.34 -15.63 -1.33
CA GLU A 997 1.19 -15.70 -2.52
C GLU A 997 1.57 -14.29 -2.97
N ASN A 998 2.82 -14.12 -3.39
CA ASN A 998 3.25 -12.83 -3.91
C ASN A 998 2.66 -12.66 -5.31
N LEU A 999 1.82 -11.64 -5.49
CA LEU A 999 1.05 -11.52 -6.73
C LEU A 999 1.91 -11.01 -7.88
N ASN A 1000 2.87 -10.14 -7.61
CA ASN A 1000 3.65 -9.54 -8.69
C ASN A 1000 4.65 -10.52 -9.32
N PHE A 1001 4.85 -11.69 -8.72
CA PHE A 1001 5.78 -12.68 -9.24
C PHE A 1001 5.08 -13.80 -10.01
N GLY A 1002 3.83 -13.61 -10.42
CA GLY A 1002 3.14 -14.64 -11.17
C GLY A 1002 1.79 -14.15 -11.66
N PHE A 1003 1.27 -14.87 -12.65
CA PHE A 1003 -0.06 -14.55 -13.21
C PHE A 1003 -0.69 -15.85 -13.71
N LYS A 1004 -1.48 -16.48 -12.84
CA LYS A 1004 -2.05 -17.80 -13.09
C LYS A 1004 -3.52 -17.74 -12.70
N SER A 1005 -4.13 -18.92 -12.54
CA SER A 1005 -5.48 -19.11 -12.02
C SER A 1005 -6.55 -18.44 -12.89
N LYS A 1006 -6.64 -18.90 -14.14
CA LYS A 1006 -7.70 -18.46 -15.04
C LYS A 1006 -9.03 -19.19 -14.79
N ARG A 1007 -9.02 -20.28 -14.01
CA ARG A 1007 -10.23 -21.00 -13.66
C ARG A 1007 -10.72 -20.72 -12.26
N THR A 1008 -9.85 -20.24 -11.38
CA THR A 1008 -10.23 -19.85 -10.03
C THR A 1008 -11.21 -18.67 -10.09
N GLY A 1009 -12.25 -18.74 -9.25
CA GLY A 1009 -13.24 -17.67 -9.20
C GLY A 1009 -12.63 -16.32 -8.84
N ILE A 1010 -11.64 -16.32 -7.94
CA ILE A 1010 -10.87 -15.11 -7.65
C ILE A 1010 -9.73 -15.11 -8.65
N ALA A 1011 -10.03 -14.61 -9.85
CA ALA A 1011 -9.10 -14.73 -10.98
C ALA A 1011 -8.25 -13.49 -11.19
N GLU A 1012 -8.82 -12.30 -11.07
CA GLU A 1012 -8.10 -11.07 -11.38
C GLU A 1012 -7.00 -10.79 -10.37
N LYS A 1013 -5.95 -10.14 -10.84
CA LYS A 1013 -4.88 -9.68 -9.95
C LYS A 1013 -5.40 -8.63 -8.99
N ALA A 1014 -6.30 -7.76 -9.47
CA ALA A 1014 -6.74 -6.60 -8.71
C ALA A 1014 -7.50 -7.00 -7.45
N VAL A 1015 -8.41 -7.98 -7.55
CA VAL A 1015 -9.26 -8.32 -6.41
C VAL A 1015 -8.45 -8.97 -5.29
N TYR A 1016 -7.56 -9.90 -5.63
CA TYR A 1016 -6.67 -10.48 -4.63
C TYR A 1016 -5.70 -9.44 -4.08
N GLN A 1017 -5.24 -8.52 -4.92
CA GLN A 1017 -4.31 -7.48 -4.49
C GLN A 1017 -4.95 -6.57 -3.45
N GLN A 1018 -6.18 -6.14 -3.70
CA GLN A 1018 -6.88 -5.32 -2.71
C GLN A 1018 -7.42 -6.14 -1.54
N PHE A 1019 -7.58 -7.46 -1.69
CA PHE A 1019 -7.87 -8.30 -0.54
C PHE A 1019 -6.66 -8.34 0.41
N GLU A 1020 -5.45 -8.48 -0.14
CA GLU A 1020 -4.26 -8.36 0.69
C GLU A 1020 -4.16 -6.96 1.30
N LYS A 1021 -4.62 -5.93 0.57
CA LYS A 1021 -4.67 -4.59 1.13
C LYS A 1021 -5.54 -4.52 2.38
N MET A 1022 -6.79 -5.03 2.31
CA MET A 1022 -7.61 -4.96 3.51
C MET A 1022 -7.17 -5.96 4.58
N LEU A 1023 -6.48 -7.04 4.21
CA LEU A 1023 -5.96 -7.95 5.22
C LEU A 1023 -4.85 -7.26 6.01
N ILE A 1024 -3.97 -6.54 5.32
CA ILE A 1024 -2.92 -5.78 5.97
C ILE A 1024 -3.52 -4.69 6.84
N ASP A 1025 -4.55 -4.00 6.33
CA ASP A 1025 -5.19 -2.94 7.10
C ASP A 1025 -5.88 -3.48 8.35
N LYS A 1026 -6.56 -4.64 8.23
CA LYS A 1026 -7.20 -5.27 9.37
C LYS A 1026 -6.17 -5.76 10.39
N LEU A 1027 -5.06 -6.32 9.92
CA LEU A 1027 -4.05 -6.80 10.85
C LEU A 1027 -3.21 -5.67 11.44
N ASN A 1028 -3.30 -4.46 10.89
CA ASN A 1028 -2.53 -3.34 11.43
C ASN A 1028 -2.99 -2.97 12.84
N CYS A 1029 -4.30 -2.85 13.03
CA CYS A 1029 -4.89 -2.71 14.35
C CYS A 1029 -6.10 -3.64 14.41
N LEU A 1030 -6.16 -4.47 15.44
CA LEU A 1030 -7.11 -5.56 15.47
C LEU A 1030 -7.89 -5.54 16.78
N VAL A 1031 -9.22 -5.55 16.68
CA VAL A 1031 -10.08 -5.63 17.84
C VAL A 1031 -11.05 -6.78 17.63
N LEU A 1032 -11.59 -7.29 18.74
CA LEU A 1032 -12.57 -8.37 18.71
C LEU A 1032 -13.79 -7.97 19.52
N LYS A 1033 -14.97 -8.27 18.96
CA LYS A 1033 -16.22 -7.88 19.61
C LYS A 1033 -16.46 -8.67 20.90
N ASP A 1034 -16.02 -9.94 20.94
CA ASP A 1034 -16.23 -10.76 22.13
C ASP A 1034 -15.27 -10.40 23.25
N TYR A 1035 -14.09 -9.87 22.93
CA TYR A 1035 -13.06 -9.63 23.92
C TYR A 1035 -13.44 -8.47 24.84
N PRO A 1036 -13.06 -8.55 26.12
CA PRO A 1036 -13.21 -7.38 27.00
C PRO A 1036 -12.27 -6.27 26.59
N ALA A 1037 -12.67 -5.03 26.94
CA ALA A 1037 -11.96 -3.85 26.47
C ALA A 1037 -10.55 -3.76 27.05
N GLU A 1038 -10.40 -4.03 28.35
CA GLU A 1038 -9.10 -3.92 28.98
C GLU A 1038 -8.17 -5.08 28.62
N LYS A 1039 -8.71 -6.19 28.12
CA LYS A 1039 -7.90 -7.31 27.70
C LYS A 1039 -7.09 -6.96 26.46
N VAL A 1040 -5.90 -7.56 26.34
CA VAL A 1040 -5.10 -7.42 25.14
C VAL A 1040 -5.86 -8.02 23.97
N GLY A 1041 -5.98 -7.27 22.88
CA GLY A 1041 -6.90 -7.61 21.81
C GLY A 1041 -8.26 -6.97 21.94
N GLY A 1042 -8.49 -6.21 23.00
CA GLY A 1042 -9.74 -5.51 23.20
C GLY A 1042 -9.76 -4.20 22.44
N VAL A 1043 -10.73 -3.36 22.80
CA VAL A 1043 -10.94 -2.10 22.09
C VAL A 1043 -9.79 -1.13 22.34
N LEU A 1044 -9.39 -0.98 23.60
CA LEU A 1044 -8.34 -0.03 23.95
C LEU A 1044 -6.95 -0.66 24.00
N ASN A 1045 -6.84 -1.95 23.76
CA ASN A 1045 -5.54 -2.62 23.62
C ASN A 1045 -5.55 -3.49 22.37
N PRO A 1046 -5.56 -2.90 21.18
CA PRO A 1046 -5.71 -3.69 19.96
C PRO A 1046 -4.42 -4.39 19.57
N TYR A 1047 -4.58 -5.46 18.79
CA TYR A 1047 -3.44 -6.26 18.34
C TYR A 1047 -2.83 -5.60 17.10
N GLN A 1048 -1.53 -5.31 17.18
CA GLN A 1048 -0.76 -4.78 16.06
C GLN A 1048 0.22 -5.86 15.61
N LEU A 1049 -0.01 -6.42 14.43
CA LEU A 1049 0.79 -7.53 13.95
C LEU A 1049 1.44 -7.31 12.60
N THR A 1050 0.98 -6.34 11.81
CA THR A 1050 1.56 -6.03 10.52
C THR A 1050 1.96 -4.56 10.44
N ASP A 1051 3.02 -4.29 9.69
CA ASP A 1051 3.49 -2.93 9.49
C ASP A 1051 2.51 -2.16 8.60
N GLN A 1052 2.61 -0.84 8.63
CA GLN A 1052 1.74 0.00 7.82
C GLN A 1052 2.03 -0.19 6.34
N PHE A 1053 0.97 -0.19 5.54
CA PHE A 1053 1.13 -0.27 4.10
C PHE A 1053 1.70 1.05 3.57
N THR A 1054 2.70 0.93 2.68
CA THR A 1054 3.24 2.06 1.94
C THR A 1054 2.97 1.94 0.45
N SER A 1055 3.44 0.85 -0.16
CA SER A 1055 3.23 0.53 -1.57
C SER A 1055 3.62 -0.91 -1.80
N PHE A 1056 2.95 -1.58 -2.75
CA PHE A 1056 3.18 -3.00 -2.97
C PHE A 1056 4.58 -3.29 -3.47
N ALA A 1057 5.21 -2.34 -4.15
CA ALA A 1057 6.58 -2.56 -4.61
C ALA A 1057 7.60 -2.41 -3.48
N LYS A 1058 7.37 -1.49 -2.55
CA LYS A 1058 8.38 -1.15 -1.55
C LYS A 1058 8.28 -1.95 -0.26
N MET A 1059 7.23 -2.73 -0.05
CA MET A 1059 7.07 -3.41 1.22
C MET A 1059 7.80 -4.74 1.31
N GLY A 1060 8.39 -5.22 0.21
CA GLY A 1060 9.20 -6.42 0.26
C GLY A 1060 8.39 -7.70 0.33
N THR A 1061 8.80 -8.62 1.20
CA THR A 1061 8.17 -9.93 1.33
C THR A 1061 7.54 -10.15 2.69
N GLN A 1062 8.16 -9.68 3.77
CA GLN A 1062 7.65 -9.88 5.11
C GLN A 1062 7.10 -8.57 5.64
N SER A 1063 5.87 -8.61 6.13
CA SER A 1063 5.21 -7.45 6.75
C SER A 1063 4.69 -7.93 8.10
N GLY A 1064 5.54 -7.87 9.11
CA GLY A 1064 5.15 -8.37 10.43
C GLY A 1064 5.00 -9.88 10.43
N PHE A 1065 3.85 -10.35 10.89
CA PHE A 1065 3.54 -11.77 10.96
C PHE A 1065 2.98 -12.31 9.66
N LEU A 1066 2.89 -11.49 8.62
CA LEU A 1066 2.42 -11.91 7.31
C LEU A 1066 3.60 -12.02 6.36
N PHE A 1067 3.73 -13.16 5.70
CA PHE A 1067 4.80 -13.39 4.74
C PHE A 1067 4.23 -13.46 3.33
N TYR A 1068 5.13 -13.54 2.35
CA TYR A 1068 4.81 -13.70 0.93
C TYR A 1068 5.77 -14.69 0.28
N VAL A 1069 5.27 -15.36 -0.76
CA VAL A 1069 5.87 -16.55 -1.35
C VAL A 1069 5.66 -16.49 -2.86
N PRO A 1070 6.67 -16.84 -3.67
CA PRO A 1070 6.47 -16.88 -5.11
C PRO A 1070 5.39 -17.88 -5.51
N ALA A 1071 4.67 -17.54 -6.59
CA ALA A 1071 3.44 -18.26 -6.94
C ALA A 1071 3.68 -19.68 -7.44
N PRO A 1072 4.44 -19.93 -8.56
CA PRO A 1072 4.34 -21.24 -9.20
C PRO A 1072 5.04 -22.35 -8.44
N TYR A 1073 4.93 -23.58 -8.97
CA TYR A 1073 5.47 -24.80 -8.34
C TYR A 1073 4.92 -24.98 -6.93
N THR A 1074 3.61 -24.75 -6.78
CA THR A 1074 2.90 -24.94 -5.52
C THR A 1074 1.71 -25.87 -5.66
N SER A 1075 0.97 -25.81 -6.76
CA SER A 1075 -0.20 -26.66 -6.93
C SER A 1075 0.19 -28.02 -7.47
N LYS A 1076 0.85 -28.05 -8.63
CA LYS A 1076 1.18 -29.30 -9.30
C LYS A 1076 2.54 -29.79 -8.82
N ILE A 1077 2.56 -30.35 -7.61
CA ILE A 1077 3.77 -30.88 -7.01
C ILE A 1077 3.37 -31.91 -5.96
N ASP A 1078 4.11 -33.01 -5.90
CA ASP A 1078 3.88 -34.05 -4.91
C ASP A 1078 4.04 -33.58 -3.48
N PRO A 1079 3.04 -33.81 -2.61
CA PRO A 1079 3.20 -33.53 -1.18
C PRO A 1079 3.98 -34.60 -0.43
N LEU A 1080 4.41 -35.66 -1.11
CA LEU A 1080 5.24 -36.71 -0.51
C LEU A 1080 6.66 -36.76 -1.07
N THR A 1081 6.83 -36.54 -2.37
CA THR A 1081 8.17 -36.60 -2.96
C THR A 1081 8.64 -35.28 -3.52
N GLY A 1082 7.75 -34.34 -3.78
CA GLY A 1082 8.13 -33.08 -4.40
C GLY A 1082 8.43 -33.18 -5.88
N PHE A 1083 8.03 -34.28 -6.53
CA PHE A 1083 8.31 -34.45 -7.95
C PHE A 1083 7.42 -33.55 -8.79
N VAL A 1084 8.02 -32.93 -9.82
CA VAL A 1084 7.29 -32.10 -10.78
C VAL A 1084 7.69 -32.54 -12.18
N ASP A 1085 6.82 -32.24 -13.14
CA ASP A 1085 7.10 -32.54 -14.55
C ASP A 1085 8.16 -31.60 -15.10
N PRO A 1086 9.29 -32.10 -15.60
CA PRO A 1086 10.39 -31.22 -16.01
C PRO A 1086 10.34 -30.70 -17.44
N PHE A 1087 9.30 -31.01 -18.22
CA PHE A 1087 9.29 -30.75 -19.65
C PHE A 1087 8.40 -29.57 -20.00
N VAL A 1088 8.90 -28.65 -20.80
CA VAL A 1088 8.03 -27.70 -21.48
C VAL A 1088 7.47 -28.42 -22.69
N TRP A 1089 6.16 -28.33 -22.91
CA TRP A 1089 5.55 -29.15 -23.96
C TRP A 1089 5.20 -28.38 -25.22
N LYS A 1090 5.51 -27.09 -25.28
CA LYS A 1090 5.29 -26.37 -26.54
C LYS A 1090 6.38 -26.66 -27.56
N THR A 1091 7.51 -27.23 -27.14
CA THR A 1091 8.63 -27.55 -28.01
C THR A 1091 8.48 -28.91 -28.67
N ILE A 1092 7.51 -29.70 -28.22
CA ILE A 1092 7.31 -31.06 -28.69
C ILE A 1092 6.25 -30.99 -29.79
N LYS A 1093 6.70 -30.74 -31.02
CA LYS A 1093 5.76 -30.65 -32.13
C LYS A 1093 6.08 -31.61 -33.27
N ASN A 1094 7.32 -31.64 -33.73
CA ASN A 1094 7.77 -32.44 -34.87
C ASN A 1094 8.05 -33.90 -34.46
N HIS A 1095 8.01 -34.79 -35.46
CA HIS A 1095 8.25 -36.23 -35.29
C HIS A 1095 9.69 -36.60 -34.91
N GLU A 1096 10.72 -36.03 -35.56
CA GLU A 1096 12.07 -36.35 -35.09
C GLU A 1096 12.31 -35.81 -33.69
N SER A 1097 11.64 -34.70 -33.34
CA SER A 1097 11.74 -34.15 -32.00
C SER A 1097 11.21 -35.14 -30.97
N ARG A 1098 10.08 -35.79 -31.25
CA ARG A 1098 9.61 -36.77 -30.28
C ARG A 1098 10.47 -38.04 -30.30
N LYS A 1099 11.14 -38.37 -31.41
CA LYS A 1099 12.14 -39.44 -31.28
C LYS A 1099 13.26 -39.06 -30.32
N HIS A 1100 13.78 -37.82 -30.41
CA HIS A 1100 14.76 -37.40 -29.40
C HIS A 1100 14.16 -37.40 -27.99
N PHE A 1101 12.85 -37.16 -27.88
CA PHE A 1101 12.20 -37.23 -26.59
C PHE A 1101 12.23 -38.67 -26.06
N LEU A 1102 11.93 -39.63 -26.93
CA LEU A 1102 11.96 -41.03 -26.52
C LEU A 1102 13.36 -41.53 -26.18
N GLU A 1103 14.37 -41.18 -26.98
CA GLU A 1103 15.71 -41.69 -26.70
C GLU A 1103 16.37 -41.00 -25.50
N GLY A 1104 15.78 -39.91 -24.99
CA GLY A 1104 16.32 -39.29 -23.80
C GLY A 1104 16.07 -40.05 -22.52
N PHE A 1105 15.06 -40.91 -22.50
CA PHE A 1105 14.74 -41.73 -21.33
C PHE A 1105 15.66 -42.93 -21.22
N ASP A 1106 15.77 -43.45 -20.00
CA ASP A 1106 16.72 -44.53 -19.73
C ASP A 1106 16.18 -45.90 -20.15
N PHE A 1107 15.15 -46.38 -19.45
CA PHE A 1107 14.55 -47.68 -19.68
C PHE A 1107 13.19 -47.78 -18.99
N LEU A 1108 12.32 -48.60 -19.59
CA LEU A 1108 10.98 -48.92 -19.12
C LEU A 1108 10.73 -50.42 -19.18
N HIS A 1109 10.15 -50.98 -18.12
CA HIS A 1109 9.91 -52.42 -18.10
C HIS A 1109 8.67 -52.74 -17.28
N TYR A 1110 7.98 -53.81 -17.67
CA TYR A 1110 6.81 -54.25 -16.94
C TYR A 1110 7.29 -54.90 -15.63
N ASP A 1111 6.48 -54.77 -14.58
CA ASP A 1111 6.72 -55.45 -13.32
C ASP A 1111 5.71 -56.57 -13.21
N VAL A 1112 6.21 -57.81 -13.14
CA VAL A 1112 5.34 -58.98 -13.08
C VAL A 1112 4.65 -59.07 -11.72
N LYS A 1113 5.30 -58.58 -10.66
CA LYS A 1113 4.83 -58.82 -9.30
C LYS A 1113 3.52 -58.09 -9.03
N THR A 1114 3.46 -56.79 -9.34
CA THR A 1114 2.26 -56.00 -9.06
C THR A 1114 1.56 -55.48 -10.30
N GLY A 1115 2.07 -55.79 -11.50
CA GLY A 1115 1.38 -55.45 -12.72
C GLY A 1115 1.57 -54.04 -13.23
N ASP A 1116 2.42 -53.24 -12.59
CA ASP A 1116 2.64 -51.86 -13.01
C ASP A 1116 3.80 -51.80 -14.00
N PHE A 1117 4.26 -50.59 -14.31
CA PHE A 1117 5.41 -50.43 -15.19
C PHE A 1117 6.41 -49.52 -14.47
N ILE A 1118 7.68 -49.68 -14.79
CA ILE A 1118 8.77 -48.94 -14.15
C ILE A 1118 9.56 -48.22 -15.23
N LEU A 1119 9.61 -46.90 -15.12
CA LEU A 1119 10.38 -46.05 -16.02
C LEU A 1119 11.45 -45.31 -15.21
N HIS A 1120 12.62 -45.14 -15.83
CA HIS A 1120 13.74 -44.46 -15.18
C HIS A 1120 14.11 -43.23 -15.98
N PHE A 1121 14.55 -42.17 -15.29
CA PHE A 1121 14.97 -40.98 -15.98
C PHE A 1121 16.12 -40.40 -15.14
N LYS A 1122 17.04 -39.66 -15.78
CA LYS A 1122 18.12 -38.97 -15.08
C LYS A 1122 18.18 -37.53 -15.60
N MET A 1123 18.49 -36.59 -14.70
CA MET A 1123 18.49 -35.16 -15.00
C MET A 1123 19.61 -34.70 -15.90
N ASN A 1124 20.63 -35.52 -16.14
CA ASN A 1124 21.71 -35.17 -17.06
C ASN A 1124 21.40 -35.48 -18.52
N ARG A 1125 20.18 -35.94 -18.83
CA ARG A 1125 19.80 -36.28 -20.20
C ARG A 1125 18.49 -35.61 -20.58
N ASN A 1126 18.26 -35.55 -21.90
CA ASN A 1126 17.08 -34.94 -22.52
C ASN A 1126 16.93 -33.48 -22.12
N LEU A 1127 18.05 -32.74 -22.13
CA LEU A 1127 18.06 -31.33 -21.75
C LEU A 1127 17.36 -30.45 -22.77
N SER A 1128 17.24 -30.91 -24.02
CA SER A 1128 16.61 -30.13 -25.07
C SER A 1128 15.13 -29.89 -24.80
N PHE A 1129 14.46 -30.81 -24.13
CA PHE A 1129 13.05 -30.65 -23.79
C PHE A 1129 12.84 -30.40 -22.31
N GLN A 1130 13.84 -30.63 -21.47
CA GLN A 1130 13.74 -30.34 -20.05
C GLN A 1130 13.78 -28.85 -19.75
N ARG A 1131 12.94 -28.43 -18.81
CA ARG A 1131 12.98 -27.06 -18.31
C ARG A 1131 14.26 -26.86 -17.51
N GLY A 1132 14.69 -25.60 -17.38
CA GLY A 1132 15.96 -25.29 -16.77
C GLY A 1132 15.95 -25.25 -15.25
N LEU A 1133 15.23 -26.16 -14.60
CA LEU A 1133 15.18 -26.27 -13.14
C LEU A 1133 15.43 -27.71 -12.73
N PRO A 1134 16.69 -28.12 -12.61
CA PRO A 1134 16.97 -29.49 -12.17
C PRO A 1134 16.60 -29.70 -10.71
N GLY A 1135 16.22 -30.95 -10.40
CA GLY A 1135 15.87 -31.32 -9.04
C GLY A 1135 17.08 -31.55 -8.16
N PHE A 1136 16.79 -31.87 -6.90
CA PHE A 1136 17.85 -32.19 -5.94
C PHE A 1136 18.55 -33.50 -6.27
N MET A 1137 17.75 -34.57 -6.52
CA MET A 1137 18.41 -35.84 -6.82
C MET A 1137 18.56 -36.03 -8.32
N PRO A 1138 19.60 -36.75 -8.76
CA PRO A 1138 19.86 -36.87 -10.20
C PRO A 1138 19.03 -37.92 -10.91
N ALA A 1139 18.28 -38.75 -10.20
CA ALA A 1139 17.55 -39.84 -10.82
C ALA A 1139 16.10 -39.86 -10.33
N TRP A 1140 15.16 -39.88 -11.26
CA TRP A 1140 13.74 -40.01 -10.94
C TRP A 1140 13.20 -41.34 -11.48
N ASP A 1141 12.33 -41.95 -10.69
CA ASP A 1141 11.72 -43.23 -11.03
C ASP A 1141 10.19 -43.10 -11.18
N ILE A 1142 9.75 -43.04 -12.43
CA ILE A 1142 8.33 -42.92 -12.72
C ILE A 1142 7.71 -44.31 -12.61
N VAL A 1143 6.63 -44.42 -11.84
CA VAL A 1143 5.87 -45.65 -11.77
C VAL A 1143 4.60 -45.46 -12.57
N PHE A 1144 4.40 -46.29 -13.58
CA PHE A 1144 3.16 -46.29 -14.34
C PHE A 1144 2.25 -47.28 -13.63
N GLU A 1145 1.41 -46.79 -12.73
CA GLU A 1145 0.63 -47.68 -11.87
C GLU A 1145 -0.50 -48.32 -12.67
N LYS A 1146 -0.69 -49.62 -12.46
CA LYS A 1146 -1.81 -50.33 -13.08
C LYS A 1146 -3.13 -49.85 -12.50
N ASN A 1147 -4.09 -49.62 -13.40
CA ASN A 1147 -5.42 -49.15 -13.00
C ASN A 1147 -6.20 -50.28 -12.34
N GLU A 1148 -6.37 -50.16 -11.03
CA GLU A 1148 -7.05 -51.14 -10.22
C GLU A 1148 -8.06 -50.41 -9.34
N THR A 1149 -9.10 -51.13 -8.91
CA THR A 1149 -10.10 -50.56 -8.01
C THR A 1149 -9.68 -50.66 -6.54
N GLN A 1150 -9.77 -49.53 -5.84
CA GLN A 1150 -9.44 -49.37 -4.42
C GLN A 1150 -10.55 -48.58 -3.76
N PHE A 1151 -10.51 -48.56 -2.42
CA PHE A 1151 -11.48 -47.87 -1.60
C PHE A 1151 -10.74 -46.94 -0.66
N ASP A 1152 -11.30 -45.76 -0.42
CA ASP A 1152 -10.66 -44.74 0.41
C ASP A 1152 -10.89 -45.05 1.89
N ALA A 1153 -10.62 -44.05 2.74
CA ALA A 1153 -10.83 -44.19 4.18
C ALA A 1153 -12.29 -44.37 4.57
N LYS A 1154 -13.24 -43.95 3.73
CA LYS A 1154 -14.65 -44.14 4.03
C LYS A 1154 -15.27 -45.21 3.12
N GLY A 1155 -14.46 -45.89 2.33
CA GLY A 1155 -14.97 -46.99 1.54
C GLY A 1155 -15.64 -46.59 0.25
N THR A 1156 -15.31 -45.41 -0.27
CA THR A 1156 -15.86 -44.99 -1.57
C THR A 1156 -15.09 -45.70 -2.67
N PRO A 1157 -15.76 -46.37 -3.61
CA PRO A 1157 -15.04 -47.06 -4.68
C PRO A 1157 -14.41 -46.09 -5.65
N PHE A 1158 -13.19 -46.40 -6.08
CA PHE A 1158 -12.48 -45.56 -7.03
C PHE A 1158 -11.40 -46.33 -7.76
N ILE A 1159 -11.25 -45.97 -9.03
CA ILE A 1159 -10.24 -46.52 -9.91
C ILE A 1159 -8.93 -45.76 -9.75
N ALA A 1160 -7.88 -46.46 -9.33
CA ALA A 1160 -6.57 -45.86 -9.15
C ALA A 1160 -5.86 -45.63 -10.48
N GLY A 1161 -5.14 -44.51 -10.58
CA GLY A 1161 -4.37 -44.16 -11.77
C GLY A 1161 -5.14 -43.58 -12.93
N LYS A 1162 -6.44 -43.35 -12.81
CA LYS A 1162 -7.25 -42.82 -13.88
C LYS A 1162 -6.83 -41.39 -14.23
N ARG A 1163 -6.88 -41.02 -15.52
CA ARG A 1163 -6.51 -39.67 -15.93
C ARG A 1163 -7.61 -39.07 -16.79
N ILE A 1164 -7.61 -37.74 -16.90
CA ILE A 1164 -8.52 -37.04 -17.80
C ILE A 1164 -7.72 -36.06 -18.65
N VAL A 1165 -7.89 -36.10 -19.97
CA VAL A 1165 -7.20 -35.18 -20.88
C VAL A 1165 -8.23 -34.46 -21.74
N PRO A 1166 -7.97 -33.24 -22.21
CA PRO A 1166 -8.93 -32.59 -23.09
C PRO A 1166 -8.87 -33.17 -24.50
N VAL A 1167 -9.94 -32.94 -25.25
CA VAL A 1167 -10.03 -33.41 -26.62
C VAL A 1167 -9.60 -32.27 -27.54
N ILE A 1168 -9.09 -32.63 -28.72
CA ILE A 1168 -8.53 -31.67 -29.66
C ILE A 1168 -9.25 -31.83 -30.99
N GLU A 1169 -9.83 -30.74 -31.49
CA GLU A 1169 -10.50 -30.71 -32.78
C GLU A 1169 -9.98 -29.53 -33.58
N ASN A 1170 -9.62 -29.79 -34.84
CA ASN A 1170 -9.01 -28.81 -35.74
C ASN A 1170 -7.76 -28.17 -35.11
N HIS A 1171 -6.97 -29.01 -34.45
CA HIS A 1171 -5.77 -28.60 -33.69
C HIS A 1171 -6.09 -27.54 -32.64
N ARG A 1172 -7.28 -27.63 -32.03
CA ARG A 1172 -7.72 -26.69 -31.01
C ARG A 1172 -8.53 -27.44 -29.95
N PHE A 1173 -8.49 -26.92 -28.73
CA PHE A 1173 -9.27 -27.49 -27.65
C PHE A 1173 -10.74 -27.12 -27.80
N THR A 1174 -11.62 -28.00 -27.32
CA THR A 1174 -13.06 -27.75 -27.35
C THR A 1174 -13.73 -27.86 -25.99
N GLY A 1175 -13.08 -28.45 -24.97
CA GLY A 1175 -13.57 -28.41 -23.61
C GLY A 1175 -14.23 -29.67 -23.12
N ARG A 1176 -14.57 -30.62 -23.99
CA ARG A 1176 -15.20 -31.87 -23.55
C ARG A 1176 -14.10 -32.75 -22.97
N TYR A 1177 -13.87 -32.59 -21.67
CA TYR A 1177 -12.66 -33.07 -21.01
C TYR A 1177 -12.83 -34.56 -20.74
N ARG A 1178 -12.13 -35.39 -21.51
CA ARG A 1178 -12.46 -36.80 -21.69
C ARG A 1178 -11.49 -37.69 -20.92
N ASP A 1179 -12.02 -38.72 -20.29
CA ASP A 1179 -11.30 -39.54 -19.32
C ASP A 1179 -10.66 -40.73 -20.04
N LEU A 1180 -9.57 -41.25 -19.47
CA LEU A 1180 -8.82 -42.35 -20.06
C LEU A 1180 -8.13 -43.14 -18.95
N TYR A 1181 -7.73 -44.36 -19.31
CA TYR A 1181 -7.04 -45.29 -18.43
C TYR A 1181 -5.63 -45.48 -18.96
N PRO A 1182 -4.60 -44.87 -18.37
CA PRO A 1182 -3.28 -44.85 -19.04
C PRO A 1182 -2.63 -46.22 -19.20
N ALA A 1183 -2.79 -47.11 -18.21
CA ALA A 1183 -2.21 -48.45 -18.33
C ALA A 1183 -2.93 -49.27 -19.40
N ASN A 1184 -4.25 -49.10 -19.50
CA ASN A 1184 -5.03 -49.82 -20.52
C ASN A 1184 -4.64 -49.38 -21.93
N GLU A 1185 -4.49 -48.08 -22.16
CA GLU A 1185 -4.03 -47.65 -23.49
C GLU A 1185 -2.58 -48.04 -23.73
N LEU A 1186 -1.74 -48.07 -22.69
CA LEU A 1186 -0.35 -48.50 -22.89
C LEU A 1186 -0.29 -49.96 -23.32
N ILE A 1187 -1.04 -50.84 -22.63
CA ILE A 1187 -1.03 -52.24 -23.04
C ILE A 1187 -1.76 -52.44 -24.36
N ALA A 1188 -2.71 -51.56 -24.68
CA ALA A 1188 -3.38 -51.63 -25.98
C ALA A 1188 -2.43 -51.34 -27.14
N LEU A 1189 -1.69 -50.22 -27.08
CA LEU A 1189 -0.72 -49.95 -28.13
C LEU A 1189 0.48 -50.88 -28.06
N LEU A 1190 0.73 -51.45 -26.88
CA LEU A 1190 1.80 -52.41 -26.67
C LEU A 1190 1.50 -53.74 -27.38
N GLU A 1191 0.26 -54.21 -27.28
CA GLU A 1191 -0.16 -55.42 -27.97
C GLU A 1191 -0.72 -55.12 -29.36
N GLU A 1192 -0.71 -53.86 -29.78
CA GLU A 1192 -1.10 -53.52 -31.14
C GLU A 1192 -0.19 -54.18 -32.16
N LYS A 1193 1.12 -54.16 -31.93
CA LYS A 1193 2.07 -54.86 -32.79
C LYS A 1193 2.66 -56.12 -32.15
N GLY A 1194 2.20 -56.51 -30.96
CA GLY A 1194 2.61 -57.75 -30.33
C GLY A 1194 3.98 -57.85 -29.66
N ILE A 1195 4.21 -57.05 -28.63
CA ILE A 1195 5.44 -57.06 -27.85
C ILE A 1195 5.32 -57.96 -26.63
N VAL A 1196 6.27 -58.87 -26.48
CA VAL A 1196 6.38 -59.67 -25.27
C VAL A 1196 6.88 -58.78 -24.15
N PHE A 1197 6.19 -58.81 -23.01
CA PHE A 1197 6.53 -57.94 -21.89
C PHE A 1197 6.60 -58.66 -20.56
N ARG A 1198 6.14 -59.92 -20.48
CA ARG A 1198 6.20 -60.66 -19.23
C ARG A 1198 7.64 -61.01 -18.85
N ASP A 1199 8.60 -60.88 -19.78
CA ASP A 1199 10.01 -61.07 -19.45
C ASP A 1199 10.57 -59.97 -18.56
N GLY A 1200 9.93 -58.81 -18.51
CA GLY A 1200 10.47 -57.70 -17.76
C GLY A 1200 11.61 -56.97 -18.43
N SER A 1201 11.81 -57.19 -19.73
CA SER A 1201 12.88 -56.57 -20.48
C SER A 1201 12.58 -55.10 -20.77
N ASN A 1202 13.61 -54.40 -21.25
CA ASN A 1202 13.50 -52.98 -21.60
C ASN A 1202 12.64 -52.83 -22.86
N ILE A 1203 11.42 -52.32 -22.69
CA ILE A 1203 10.48 -52.19 -23.80
C ILE A 1203 10.83 -51.02 -24.72
N LEU A 1204 11.59 -50.04 -24.21
CA LEU A 1204 11.83 -48.80 -24.96
C LEU A 1204 12.56 -48.99 -26.30
N PRO A 1205 13.66 -49.75 -26.42
CA PRO A 1205 14.22 -49.94 -27.77
C PRO A 1205 13.38 -50.84 -28.64
N LYS A 1206 12.56 -51.73 -28.06
CA LYS A 1206 11.64 -52.53 -28.86
C LYS A 1206 10.56 -51.67 -29.50
N LEU A 1207 10.05 -50.67 -28.78
CA LEU A 1207 9.10 -49.75 -29.39
C LEU A 1207 9.79 -48.62 -30.14
N LEU A 1208 11.12 -48.52 -30.05
CA LEU A 1208 11.86 -47.49 -30.77
C LEU A 1208 12.36 -47.95 -32.13
N GLU A 1209 12.59 -49.25 -32.33
CA GLU A 1209 13.21 -49.73 -33.56
C GLU A 1209 12.29 -49.64 -34.76
N ASN A 1210 10.98 -49.81 -34.56
CA ASN A 1210 10.05 -49.78 -35.69
C ASN A 1210 9.85 -48.37 -36.24
N ASP A 1211 9.96 -47.36 -35.38
CA ASP A 1211 9.88 -45.93 -35.75
C ASP A 1211 8.56 -45.61 -36.46
N ASP A 1212 7.46 -46.12 -35.92
CA ASP A 1212 6.13 -45.78 -36.39
C ASP A 1212 5.72 -44.43 -35.81
N SER A 1213 5.40 -43.47 -36.67
CA SER A 1213 5.10 -42.12 -36.22
C SER A 1213 3.83 -42.06 -35.37
N HIS A 1214 2.80 -42.83 -35.76
CA HIS A 1214 1.57 -42.86 -34.97
C HIS A 1214 1.80 -43.48 -33.60
N ALA A 1215 2.64 -44.51 -33.52
CA ALA A 1215 2.96 -45.13 -32.24
C ALA A 1215 3.71 -44.16 -31.32
N ILE A 1216 4.66 -43.40 -31.86
CA ILE A 1216 5.37 -42.42 -31.04
C ILE A 1216 4.43 -41.29 -30.62
N ASP A 1217 3.50 -40.91 -31.51
CA ASP A 1217 2.53 -39.86 -31.17
C ASP A 1217 1.64 -40.29 -30.01
N THR A 1218 1.05 -41.48 -30.10
CA THR A 1218 0.21 -41.95 -28.99
C THR A 1218 1.05 -42.27 -27.75
N MET A 1219 2.33 -42.59 -27.90
CA MET A 1219 3.17 -42.87 -26.75
C MET A 1219 3.49 -41.60 -25.98
N VAL A 1220 3.83 -40.51 -26.70
CA VAL A 1220 4.06 -39.25 -26.00
C VAL A 1220 2.75 -38.67 -25.48
N ALA A 1221 1.62 -38.97 -26.13
CA ALA A 1221 0.32 -38.59 -25.57
C ALA A 1221 0.06 -39.31 -24.25
N LEU A 1222 0.41 -40.60 -24.18
CA LEU A 1222 0.29 -41.34 -22.93
C LEU A 1222 1.25 -40.81 -21.88
N ILE A 1223 2.44 -40.37 -22.30
CA ILE A 1223 3.39 -39.74 -21.39
C ILE A 1223 2.78 -38.47 -20.80
N ARG A 1224 2.17 -37.65 -21.65
CA ARG A 1224 1.49 -36.44 -21.19
C ARG A 1224 0.36 -36.79 -20.24
N SER A 1225 -0.34 -37.89 -20.51
CA SER A 1225 -1.39 -38.35 -19.61
C SER A 1225 -0.85 -38.74 -18.25
N VAL A 1226 0.30 -39.44 -18.22
CA VAL A 1226 0.75 -39.96 -16.93
C VAL A 1226 1.45 -38.89 -16.10
N LEU A 1227 2.16 -37.95 -16.72
CA LEU A 1227 2.77 -36.87 -15.95
C LEU A 1227 1.87 -35.66 -15.77
N GLN A 1228 0.62 -35.70 -16.24
CA GLN A 1228 -0.33 -34.65 -15.92
C GLN A 1228 -0.61 -34.71 -14.43
N MET A 1229 -0.20 -33.67 -13.69
CA MET A 1229 -0.12 -33.78 -12.24
C MET A 1229 -1.50 -33.75 -11.60
N ARG A 1230 -2.24 -32.66 -11.78
CA ARG A 1230 -3.60 -32.58 -11.28
C ARG A 1230 -4.59 -33.01 -12.35
N ASN A 1231 -5.77 -33.45 -11.91
CA ASN A 1231 -6.84 -33.80 -12.84
C ASN A 1231 -8.16 -33.33 -12.23
N SER A 1232 -8.84 -32.41 -12.92
CA SER A 1232 -10.07 -31.84 -12.39
C SER A 1232 -11.05 -31.62 -13.53
N ASN A 1233 -12.23 -32.23 -13.41
CA ASN A 1233 -13.34 -32.02 -14.33
C ASN A 1233 -14.56 -31.58 -13.52
N ALA A 1234 -15.10 -30.42 -13.87
CA ALA A 1234 -16.24 -29.83 -13.17
C ALA A 1234 -17.57 -30.48 -13.54
N ALA A 1235 -17.65 -31.19 -14.65
CA ALA A 1235 -18.92 -31.79 -15.06
C ALA A 1235 -19.33 -32.91 -14.12
N THR A 1236 -18.41 -33.80 -13.78
CA THR A 1236 -18.65 -34.82 -12.77
C THR A 1236 -18.10 -34.46 -11.41
N GLY A 1237 -17.45 -33.30 -11.28
CA GLY A 1237 -16.92 -32.80 -10.02
C GLY A 1237 -15.62 -33.38 -9.53
N GLU A 1238 -14.88 -34.13 -10.34
CA GLU A 1238 -13.62 -34.69 -9.85
C GLU A 1238 -12.55 -33.62 -9.77
N ASP A 1239 -11.72 -33.70 -8.72
CA ASP A 1239 -10.59 -32.79 -8.56
C ASP A 1239 -9.61 -33.56 -7.67
N TYR A 1240 -8.50 -34.02 -8.26
CA TYR A 1240 -7.62 -34.90 -7.51
C TYR A 1240 -6.17 -34.80 -7.99
N ILE A 1241 -5.28 -35.33 -7.16
CA ILE A 1241 -3.85 -35.37 -7.40
C ILE A 1241 -3.40 -36.82 -7.38
N ASN A 1242 -2.73 -37.27 -8.45
CA ASN A 1242 -2.24 -38.64 -8.56
C ASN A 1242 -0.81 -38.62 -9.08
N SER A 1243 0.13 -38.97 -8.21
CA SER A 1243 1.56 -38.96 -8.54
C SER A 1243 1.99 -40.28 -9.16
N PRO A 1244 2.58 -40.28 -10.35
CA PRO A 1244 3.14 -41.53 -10.87
C PRO A 1244 4.57 -41.77 -10.39
N VAL A 1245 4.85 -41.52 -9.10
CA VAL A 1245 6.17 -41.71 -8.51
C VAL A 1245 5.98 -42.25 -7.09
N ARG A 1246 6.59 -43.39 -6.80
CA ARG A 1246 6.58 -43.93 -5.44
C ARG A 1246 7.58 -43.19 -4.56
N ASP A 1247 7.26 -43.13 -3.26
CA ASP A 1247 8.07 -42.39 -2.31
C ASP A 1247 9.11 -43.33 -1.70
N LEU A 1248 9.79 -42.87 -0.63
CA LEU A 1248 10.72 -43.73 0.08
C LEU A 1248 10.03 -44.89 0.79
N ASN A 1249 8.82 -44.69 1.31
CA ASN A 1249 8.09 -45.80 1.90
C ASN A 1249 7.67 -46.84 0.85
N GLY A 1250 7.47 -46.40 -0.39
CA GLY A 1250 7.12 -47.29 -1.47
C GLY A 1250 5.67 -47.24 -1.92
N VAL A 1251 5.02 -46.09 -1.85
CA VAL A 1251 3.64 -45.94 -2.30
C VAL A 1251 3.53 -44.63 -3.07
N CYS A 1252 2.96 -44.68 -4.27
CA CYS A 1252 2.70 -43.45 -5.01
C CYS A 1252 1.52 -42.72 -4.40
N PHE A 1253 1.63 -41.39 -4.30
CA PHE A 1253 0.60 -40.62 -3.65
C PHE A 1253 -0.63 -40.55 -4.53
N ASP A 1254 -1.80 -40.61 -3.91
CA ASP A 1254 -3.06 -40.36 -4.60
C ASP A 1254 -4.00 -39.69 -3.61
N SER A 1255 -4.46 -38.49 -3.93
CA SER A 1255 -5.34 -37.75 -3.03
C SER A 1255 -6.75 -38.31 -2.97
N ARG A 1256 -7.11 -39.26 -3.83
CA ARG A 1256 -8.42 -39.88 -3.74
C ARG A 1256 -8.58 -40.76 -2.49
N PHE A 1257 -7.48 -41.11 -1.81
CA PHE A 1257 -7.59 -41.93 -0.60
C PHE A 1257 -8.21 -41.18 0.56
N GLN A 1258 -8.29 -39.84 0.49
CA GLN A 1258 -8.93 -38.99 1.50
C GLN A 1258 -8.33 -39.19 2.90
N ASN A 1259 -7.00 -39.37 2.96
CA ASN A 1259 -6.24 -39.49 4.21
C ASN A 1259 -6.04 -38.13 4.88
N PRO A 1260 -6.48 -37.94 6.14
CA PRO A 1260 -6.30 -36.64 6.79
C PRO A 1260 -4.86 -36.21 7.01
N GLU A 1261 -3.88 -37.10 6.91
CA GLU A 1261 -2.48 -36.70 7.01
C GLU A 1261 -2.03 -35.84 5.84
N TRP A 1262 -2.67 -35.95 4.69
CA TRP A 1262 -2.28 -35.32 3.44
C TRP A 1262 -3.44 -34.51 2.91
N PRO A 1263 -3.20 -33.58 1.98
CA PRO A 1263 -4.30 -32.78 1.42
C PRO A 1263 -5.38 -33.61 0.73
N MET A 1264 -6.64 -33.20 0.91
CA MET A 1264 -7.75 -33.79 0.15
C MET A 1264 -7.62 -33.48 -1.34
N ASP A 1265 -7.39 -32.21 -1.69
CA ASP A 1265 -7.57 -31.70 -3.03
C ASP A 1265 -6.31 -30.97 -3.48
N ALA A 1266 -6.25 -30.69 -4.79
CA ALA A 1266 -5.15 -29.91 -5.35
C ALA A 1266 -5.15 -28.49 -4.79
N ASP A 1267 -6.32 -27.97 -4.43
CA ASP A 1267 -6.40 -26.69 -3.71
C ASP A 1267 -5.66 -26.78 -2.39
N ALA A 1268 -5.97 -27.82 -1.60
CA ALA A 1268 -5.28 -28.05 -0.35
C ALA A 1268 -3.81 -28.38 -0.57
N ASN A 1269 -3.48 -29.05 -1.70
CA ASN A 1269 -2.10 -29.33 -2.02
C ASN A 1269 -1.31 -28.05 -2.24
N GLY A 1270 -1.88 -27.12 -3.00
CA GLY A 1270 -1.22 -25.84 -3.22
C GLY A 1270 -1.11 -25.02 -1.95
N ALA A 1271 -2.16 -25.03 -1.12
CA ALA A 1271 -2.10 -24.33 0.16
C ALA A 1271 -1.03 -24.92 1.07
N TYR A 1272 -0.92 -26.25 1.09
CA TYR A 1272 0.11 -26.91 1.88
C TYR A 1272 1.51 -26.55 1.37
N HIS A 1273 1.69 -26.47 0.06
CA HIS A 1273 3.01 -26.13 -0.47
C HIS A 1273 3.34 -24.65 -0.25
N ILE A 1274 2.34 -23.77 -0.26
CA ILE A 1274 2.56 -22.37 0.11
C ILE A 1274 2.98 -22.27 1.58
N ALA A 1275 2.33 -23.05 2.45
CA ALA A 1275 2.74 -23.11 3.85
C ALA A 1275 4.14 -23.68 4.00
N LEU A 1276 4.53 -24.63 3.14
CA LEU A 1276 5.89 -25.15 3.17
C LEU A 1276 6.91 -24.14 2.70
N LYS A 1277 6.56 -23.29 1.73
CA LYS A 1277 7.45 -22.20 1.35
C LYS A 1277 7.60 -21.20 2.49
N GLY A 1278 6.52 -20.93 3.23
CA GLY A 1278 6.64 -20.13 4.43
C GLY A 1278 7.51 -20.78 5.49
N GLN A 1279 7.43 -22.11 5.60
CA GLN A 1279 8.31 -22.85 6.50
C GLN A 1279 9.77 -22.75 6.07
N LEU A 1280 10.02 -22.77 4.76
CA LEU A 1280 11.37 -22.57 4.24
C LEU A 1280 11.91 -21.19 4.59
N LEU A 1281 11.06 -20.16 4.44
CA LEU A 1281 11.47 -18.80 4.82
C LEU A 1281 11.73 -18.72 6.32
N LEU A 1282 10.92 -19.39 7.14
CA LEU A 1282 11.14 -19.39 8.58
C LEU A 1282 12.44 -20.11 8.94
N ASN A 1283 12.75 -21.22 8.25
CA ASN A 1283 14.00 -21.92 8.52
C ASN A 1283 15.20 -21.09 8.11
N HIS A 1284 15.09 -20.36 7.01
CA HIS A 1284 16.15 -19.44 6.61
C HIS A 1284 16.30 -18.31 7.63
N LEU A 1285 15.20 -17.91 8.27
CA LEU A 1285 15.29 -16.94 9.37
C LEU A 1285 16.01 -17.55 10.57
N LYS A 1286 15.71 -18.82 10.90
CA LYS A 1286 16.35 -19.46 12.05
C LYS A 1286 17.85 -19.62 11.83
N GLU A 1287 18.27 -20.00 10.62
CA GLU A 1287 19.71 -20.09 10.37
C GLU A 1287 20.36 -18.73 10.22
N SER A 1288 19.59 -17.67 9.98
CA SER A 1288 20.16 -16.34 9.86
C SER A 1288 20.46 -15.76 11.24
N LYS A 1289 21.30 -14.72 11.25
CA LYS A 1289 21.68 -14.04 12.47
C LYS A 1289 21.31 -12.56 12.49
N ASP A 1290 20.94 -11.98 11.35
CA ASP A 1290 20.62 -10.57 11.27
C ASP A 1290 19.14 -10.28 11.45
N LEU A 1291 18.34 -11.31 11.74
CA LEU A 1291 16.88 -11.21 11.88
C LEU A 1291 16.23 -10.62 10.63
N LYS A 1292 16.74 -11.02 9.46
CA LYS A 1292 16.18 -10.53 8.21
C LYS A 1292 15.86 -11.76 7.35
N LEU A 1293 15.47 -11.57 6.10
CA LEU A 1293 15.17 -12.65 5.16
C LEU A 1293 15.87 -12.36 3.84
N GLN A 1294 15.75 -13.28 2.89
CA GLN A 1294 16.37 -13.14 1.59
C GLN A 1294 15.55 -12.32 0.61
N ASN A 1295 14.35 -11.89 1.01
CA ASN A 1295 13.46 -11.02 0.24
C ASN A 1295 13.17 -11.73 -1.10
N GLY A 1296 12.96 -13.04 -1.04
CA GLY A 1296 12.67 -13.76 -2.27
C GLY A 1296 13.40 -15.08 -2.48
N ILE A 1297 12.67 -16.09 -2.95
CA ILE A 1297 13.22 -17.43 -3.16
C ILE A 1297 12.99 -17.85 -4.60
N SER A 1298 13.98 -18.55 -5.16
CA SER A 1298 13.95 -19.07 -6.52
C SER A 1298 13.23 -20.41 -6.57
N ASN A 1299 12.85 -20.82 -7.77
CA ASN A 1299 12.21 -22.13 -7.87
C ASN A 1299 13.19 -23.27 -7.61
N GLN A 1300 14.46 -23.11 -8.02
CA GLN A 1300 15.47 -24.15 -7.83
C GLN A 1300 15.78 -24.43 -6.37
N ASP A 1301 16.01 -23.38 -5.55
CA ASP A 1301 16.30 -23.63 -4.14
C ASP A 1301 15.10 -24.23 -3.42
N TRP A 1302 13.89 -23.75 -3.76
CA TRP A 1302 12.67 -24.31 -3.15
C TRP A 1302 12.50 -25.78 -3.52
N LEU A 1303 12.72 -26.13 -4.80
CA LEU A 1303 12.61 -27.53 -5.22
C LEU A 1303 13.64 -28.40 -4.52
N ALA A 1304 14.89 -27.93 -4.45
CA ALA A 1304 15.95 -28.69 -3.78
C ALA A 1304 15.64 -28.86 -2.30
N TYR A 1305 15.12 -27.82 -1.66
CA TYR A 1305 14.79 -27.87 -0.23
C TYR A 1305 13.68 -28.89 0.03
N ILE A 1306 12.61 -28.86 -0.76
CA ILE A 1306 11.49 -29.76 -0.47
C ILE A 1306 11.89 -31.20 -0.80
N GLN A 1307 12.74 -31.39 -1.83
CA GLN A 1307 13.17 -32.74 -2.15
C GLN A 1307 14.21 -33.28 -1.16
N GLU A 1308 15.03 -32.41 -0.57
CA GLU A 1308 15.96 -32.89 0.45
C GLU A 1308 15.22 -33.22 1.75
N LEU A 1309 14.31 -32.35 2.17
CA LEU A 1309 13.63 -32.56 3.45
C LEU A 1309 12.36 -33.41 3.32
N ARG A 1310 12.06 -33.92 2.13
CA ARG A 1310 10.97 -34.86 1.98
C ARG A 1310 11.36 -36.16 1.27
N ASN A 1311 12.63 -36.31 0.89
CA ASN A 1311 13.15 -37.58 0.36
C ASN A 1311 14.50 -37.83 1.01
#